data_8W6V
#
_entry.id   8W6V
#
_cell.length_a   57.228
_cell.length_b   74.585
_cell.length_c   103.869
_cell.angle_alpha   70.65
_cell.angle_beta   84.36
_cell.angle_gamma   89.79
#
_symmetry.space_group_name_H-M   'P 1'
#
loop_
_entity.id
_entity.type
_entity.pdbx_description
1 polymer 'Isochorismate synthase 1, chloroplastic'
2 non-polymer 'ACETATE ION'
3 non-polymer 'FORMIC ACID'
4 non-polymer 'MAGNESIUM ION'
5 water water
#
_entity_poly.entity_id   1
_entity_poly.type   'polypeptide(L)'
_entity_poly.pdbx_seq_one_letter_code
;MDMSMNGCDGDFKTPLGTVETRTMTAVLSPAAATERLISAVSELKSQPPSFSSGVVRLQVPIDQQIGAIDWLQAQNEIQP
RCFFSRRSDVGRPDLLLDLANENGNGNGNGTVSSDRNLVSVAGIGSAVFFRDLDPFSHDDWRSIRRFLSSTSPLIRAYGG
MRFDPNGKIAVEWEPFGAFYFSVPQVEFNEFGGSSMLAATIAWDDELSWTLENAIEALQETMLQVSSVVMKLRNRSLGVS
VLSKNHVPTKGAYFPAVEKALEMINQKSSPLNRVVLARNSRIITDTDIDPIAWLAQLQREGHDAYQFCLQPPGAPAFIGN
TPERLFQRTQLGVCSEALAATRPRAASSARDMEIERDLLTSPKDDLEFSIVRENIREKLNGICDRVVVKPQKTVRKLARV
QHLYSQLAGRLTKEDDEYKILAALHPTPAVCGLPAEEARLLIKEIESFDRGMYAGPIGFFGGEESEFAVGIRSALVEKGL
GALIYAGTGIVAGSDPSSEWNELDLKISQFTKSIEYEATTSLQAINHHHHHHHHHH
;
_entity_poly.pdbx_strand_id   A,B
#
loop_
_chem_comp.id
_chem_comp.type
_chem_comp.name
_chem_comp.formula
ACT non-polymer 'ACETATE ION' 'C2 H3 O2 -1'
FMT non-polymer 'FORMIC ACID' 'C H2 O2'
MG non-polymer 'MAGNESIUM ION' 'Mg 2'
#
# COMPACT_ATOMS: atom_id res chain seq x y z
N SER A 4 35.70 13.23 8.85
CA SER A 4 36.20 13.40 7.49
C SER A 4 36.13 14.89 7.11
N MET A 5 35.91 15.17 5.83
CA MET A 5 35.72 16.54 5.37
C MET A 5 34.89 16.52 4.11
N ASN A 6 34.09 17.57 3.92
CA ASN A 6 33.25 17.72 2.75
C ASN A 6 34.03 18.48 1.68
N GLY A 7 34.47 17.76 0.65
CA GLY A 7 35.28 18.36 -0.39
C GLY A 7 34.56 19.43 -1.18
N CYS A 8 33.22 19.47 -1.11
CA CYS A 8 32.47 20.54 -1.75
C CYS A 8 32.76 21.89 -1.09
N ASP A 9 33.13 21.87 0.20
CA ASP A 9 33.54 23.08 0.91
C ASP A 9 34.92 23.58 0.48
N GLY A 10 35.70 22.76 -0.24
CA GLY A 10 37.05 23.13 -0.58
C GLY A 10 37.11 24.16 -1.68
N ASP A 11 38.30 24.76 -1.81
CA ASP A 11 38.58 25.72 -2.88
C ASP A 11 38.92 24.92 -4.13
N PHE A 12 37.89 24.61 -4.92
CA PHE A 12 38.09 23.70 -6.05
C PHE A 12 38.94 24.30 -7.15
N LYS A 13 39.17 25.61 -7.13
CA LYS A 13 40.02 26.23 -8.14
C LYS A 13 41.51 26.15 -7.80
N THR A 14 41.88 25.64 -6.61
CA THR A 14 43.26 25.54 -6.17
C THR A 14 43.66 24.08 -6.02
N PRO A 15 44.66 23.59 -6.74
CA PRO A 15 44.99 22.16 -6.66
C PRO A 15 45.51 21.78 -5.28
N LEU A 16 45.30 20.51 -4.93
CA LEU A 16 45.89 19.98 -3.72
C LEU A 16 47.41 19.98 -3.82
N GLY A 17 48.07 19.88 -2.66
CA GLY A 17 49.52 19.79 -2.65
C GLY A 17 50.03 18.56 -3.38
N THR A 18 49.31 17.44 -3.26
CA THR A 18 49.68 16.23 -3.98
C THR A 18 48.46 15.33 -4.14
N VAL A 19 48.47 14.53 -5.20
CA VAL A 19 47.57 13.39 -5.38
C VAL A 19 48.48 12.25 -5.85
N GLU A 20 48.63 11.22 -5.03
CA GLU A 20 49.59 10.19 -5.39
C GLU A 20 49.19 8.86 -4.79
N THR A 21 49.72 7.79 -5.40
CA THR A 21 49.54 6.41 -4.94
C THR A 21 50.92 5.83 -4.67
N ARG A 22 51.05 5.15 -3.53
CA ARG A 22 52.26 4.42 -3.19
C ARG A 22 51.90 2.96 -3.05
N THR A 23 52.62 2.09 -3.75
CA THR A 23 52.36 0.65 -3.75
C THR A 23 53.41 -0.05 -2.91
N MET A 24 52.95 -0.86 -1.95
CA MET A 24 53.82 -1.67 -1.11
C MET A 24 54.16 -2.99 -1.79
N THR A 25 55.10 -3.71 -1.19
CA THR A 25 55.45 -5.05 -1.68
C THR A 25 54.25 -5.99 -1.58
N ALA A 26 54.06 -6.82 -2.60
CA ALA A 26 52.93 -7.73 -2.65
C ALA A 26 53.02 -8.77 -1.53
N VAL A 27 51.86 -9.18 -1.03
CA VAL A 27 51.79 -10.24 -0.03
C VAL A 27 50.91 -11.35 -0.56
N LEU A 28 50.80 -12.43 0.19
CA LEU A 28 50.07 -13.61 -0.25
C LEU A 28 48.66 -13.72 0.32
N SER A 29 48.33 -12.97 1.36
CA SER A 29 47.10 -13.21 2.10
C SER A 29 46.49 -11.91 2.56
N PRO A 30 45.17 -11.89 2.80
CA PRO A 30 44.57 -10.67 3.35
C PRO A 30 45.09 -10.31 4.73
N ALA A 31 45.41 -11.29 5.57
CA ALA A 31 45.95 -10.94 6.89
C ALA A 31 47.31 -10.27 6.77
N ALA A 32 48.18 -10.75 5.86
CA ALA A 32 49.45 -10.07 5.67
C ALA A 32 49.25 -8.66 5.13
N ALA A 33 48.27 -8.47 4.25
CA ALA A 33 48.02 -7.15 3.69
C ALA A 33 47.56 -6.18 4.76
N THR A 34 46.67 -6.61 5.65
CA THR A 34 46.18 -5.74 6.72
C THR A 34 47.33 -5.28 7.61
N GLU A 35 48.17 -6.22 8.04
CA GLU A 35 49.30 -5.87 8.90
C GLU A 35 50.30 -4.96 8.18
N ARG A 36 50.56 -5.23 6.89
CA ARG A 36 51.48 -4.39 6.14
C ARG A 36 50.92 -2.99 5.95
N LEU A 37 49.61 -2.87 5.73
CA LEU A 37 49.02 -1.54 5.55
C LEU A 37 49.04 -0.74 6.84
N ILE A 38 48.75 -1.40 7.98
CA ILE A 38 48.92 -0.74 9.28
C ILE A 38 50.33 -0.17 9.41
N SER A 39 51.34 -0.96 9.02
CA SER A 39 52.72 -0.48 9.15
C SER A 39 53.01 0.65 8.16
N ALA A 40 52.42 0.57 6.97
CA ALA A 40 52.64 1.62 5.97
C ALA A 40 52.05 2.95 6.42
N VAL A 41 50.89 2.91 7.07
CA VAL A 41 50.31 4.13 7.60
C VAL A 41 51.19 4.71 8.70
N SER A 42 51.70 3.84 9.57
CA SER A 42 52.61 4.29 10.63
C SER A 42 53.90 4.88 10.07
N GLU A 43 54.42 4.28 8.99
CA GLU A 43 55.63 4.81 8.37
C GLU A 43 55.36 6.18 7.75
N LEU A 44 54.20 6.36 7.11
CA LEU A 44 53.83 7.66 6.56
C LEU A 44 53.69 8.70 7.67
N LYS A 45 53.10 8.31 8.80
CA LYS A 45 53.00 9.21 9.94
C LYS A 45 54.39 9.65 10.40
N SER A 46 55.36 8.73 10.39
CA SER A 46 56.69 9.05 10.87
C SER A 46 57.49 9.88 9.87
N GLN A 47 57.21 9.74 8.57
CA GLN A 47 57.89 10.50 7.52
C GLN A 47 56.84 11.10 6.59
N PRO A 48 56.14 12.14 7.05
CA PRO A 48 54.90 12.54 6.38
C PRO A 48 55.14 13.54 5.26
N PRO A 49 54.22 13.61 4.29
CA PRO A 49 54.22 14.75 3.37
C PRO A 49 53.99 16.02 4.17
N SER A 50 54.52 17.14 3.65
CA SER A 50 54.40 18.39 4.39
C SER A 50 53.45 19.39 3.75
N PHE A 51 52.74 19.03 2.66
CA PHE A 51 51.78 19.93 2.05
C PHE A 51 50.62 20.23 2.99
N SER A 52 49.97 21.36 2.78
CA SER A 52 48.80 21.72 3.57
C SER A 52 47.53 21.03 3.10
N SER A 53 47.59 20.30 1.99
CA SER A 53 46.45 19.55 1.48
C SER A 53 46.99 18.47 0.57
N GLY A 54 46.22 17.39 0.42
CA GLY A 54 46.68 16.32 -0.45
C GLY A 54 45.83 15.08 -0.33
N VAL A 55 46.13 14.13 -1.22
CA VAL A 55 45.64 12.76 -1.12
C VAL A 55 46.81 11.82 -1.35
N VAL A 56 47.00 10.88 -0.42
CA VAL A 56 47.98 9.83 -0.57
C VAL A 56 47.26 8.50 -0.37
N ARG A 57 47.25 7.69 -1.41
CA ARG A 57 46.71 6.33 -1.37
C ARG A 57 47.86 5.35 -1.16
N LEU A 58 47.75 4.50 -0.13
CA LEU A 58 48.69 3.43 0.13
C LEU A 58 48.01 2.10 -0.19
N GLN A 59 48.66 1.26 -0.99
CA GLN A 59 48.01 0.02 -1.40
C GLN A 59 48.97 -1.17 -1.31
N VAL A 60 48.45 -2.30 -0.84
CA VAL A 60 49.20 -3.54 -0.70
C VAL A 60 48.59 -4.56 -1.66
N PRO A 61 49.31 -4.99 -2.70
CA PRO A 61 48.78 -6.03 -3.59
C PRO A 61 48.73 -7.37 -2.88
N ILE A 62 47.71 -8.15 -3.19
CA ILE A 62 47.49 -9.48 -2.63
C ILE A 62 47.50 -10.47 -3.79
N ASP A 63 48.33 -11.50 -3.69
CA ASP A 63 48.62 -12.37 -4.83
C ASP A 63 47.53 -13.39 -5.09
N GLN A 64 46.37 -13.26 -4.48
CA GLN A 64 45.29 -14.19 -4.71
C GLN A 64 44.00 -13.42 -4.91
N GLN A 65 43.07 -14.02 -5.64
CA GLN A 65 41.81 -13.39 -5.97
C GLN A 65 40.85 -13.61 -4.82
N ILE A 66 40.33 -12.51 -4.27
CA ILE A 66 39.45 -12.52 -3.12
C ILE A 66 38.28 -11.59 -3.43
N GLY A 67 37.07 -12.03 -3.14
CA GLY A 67 35.89 -11.23 -3.45
C GLY A 67 35.79 -10.03 -2.53
N ALA A 68 35.67 -8.84 -3.13
CA ALA A 68 35.54 -7.64 -2.33
C ALA A 68 34.27 -7.67 -1.47
N ILE A 69 33.21 -8.31 -1.96
CA ILE A 69 32.01 -8.36 -1.15
C ILE A 69 32.21 -9.27 0.05
N ASP A 70 33.10 -10.28 -0.07
CA ASP A 70 33.43 -11.10 1.07
C ASP A 70 34.24 -10.32 2.10
N TRP A 71 35.16 -9.47 1.64
CA TRP A 71 35.88 -8.60 2.56
C TRP A 71 34.91 -7.67 3.28
N LEU A 72 34.00 -7.03 2.52
CA LEU A 72 33.08 -6.08 3.13
C LEU A 72 32.23 -6.76 4.20
N GLN A 73 31.78 -8.00 3.95
CA GLN A 73 30.96 -8.70 4.93
C GLN A 73 31.70 -8.95 6.23
N ALA A 74 33.03 -9.06 6.17
CA ALA A 74 33.82 -9.27 7.38
C ALA A 74 34.04 -8.00 8.19
N GLN A 75 33.80 -6.83 7.59
CA GLN A 75 34.05 -5.57 8.28
C GLN A 75 32.87 -5.17 9.15
N ASN A 76 33.16 -4.43 10.23
CA ASN A 76 32.04 -3.97 11.02
C ASN A 76 31.51 -2.65 10.44
N GLU A 77 30.56 -2.03 11.11
CA GLU A 77 29.78 -0.98 10.47
C GLU A 77 30.52 0.34 10.59
N ILE A 78 31.52 0.50 9.73
CA ILE A 78 32.31 1.71 9.63
C ILE A 78 31.83 2.43 8.38
N GLN A 79 31.19 3.57 8.56
CA GLN A 79 30.45 4.21 7.48
C GLN A 79 31.14 5.49 7.03
N PRO A 80 30.90 5.92 5.77
CA PRO A 80 30.04 5.27 4.78
C PRO A 80 30.55 3.90 4.31
N ARG A 81 29.62 3.04 3.90
CA ARG A 81 29.95 1.76 3.27
C ARG A 81 29.63 1.87 1.79
N CYS A 82 30.58 1.46 0.96
CA CYS A 82 30.47 1.54 -0.50
C CYS A 82 30.77 0.18 -1.11
N PHE A 83 30.03 -0.17 -2.15
CA PHE A 83 30.38 -1.31 -2.97
C PHE A 83 30.06 -1.00 -4.44
N PHE A 84 30.93 -1.44 -5.33
CA PHE A 84 30.63 -1.31 -6.76
C PHE A 84 31.26 -2.47 -7.53
N SER A 85 30.48 -3.08 -8.43
CA SER A 85 31.01 -4.12 -9.30
C SER A 85 30.44 -3.89 -10.70
N ARG A 86 31.30 -3.64 -11.68
CA ARG A 86 30.82 -3.33 -13.02
C ARG A 86 30.28 -4.58 -13.70
N ARG A 87 29.59 -4.38 -14.83
CA ARG A 87 29.04 -5.50 -15.59
C ARG A 87 30.14 -6.32 -16.26
N SER A 88 29.91 -7.63 -16.33
CA SER A 88 30.79 -8.50 -17.09
C SER A 88 30.77 -8.19 -18.58
N ASP A 89 29.67 -7.63 -19.09
CA ASP A 89 29.52 -7.26 -20.51
C ASP A 89 29.72 -8.48 -21.43
N VAL A 90 29.20 -9.64 -21.00
CA VAL A 90 29.44 -10.90 -21.70
C VAL A 90 28.83 -10.86 -23.10
N GLY A 91 29.68 -10.99 -24.11
CA GLY A 91 29.25 -11.15 -25.48
C GLY A 91 29.00 -9.86 -26.22
N ARG A 92 28.52 -8.82 -25.54
CA ARG A 92 28.28 -7.55 -26.20
C ARG A 92 29.60 -6.94 -26.66
N PRO A 93 29.63 -6.25 -27.80
CA PRO A 93 30.87 -5.63 -28.24
C PRO A 93 31.24 -4.41 -27.41
N ASP A 94 32.54 -4.21 -27.23
CA ASP A 94 33.06 -2.99 -26.62
C ASP A 94 33.15 -1.93 -27.70
N LEU A 95 32.19 -0.99 -27.69
CA LEU A 95 32.17 0.05 -28.72
C LEU A 95 33.39 0.97 -28.59
N LEU A 96 33.90 1.15 -27.37
CA LEU A 96 35.13 1.91 -27.20
C LEU A 96 36.33 1.22 -27.83
N LEU A 97 36.17 -0.04 -28.24
CA LEU A 97 37.19 -0.83 -28.92
C LEU A 97 38.39 -1.06 -28.02
N ARG A 116 44.80 -5.67 -16.05
CA ARG A 116 44.21 -5.41 -14.73
C ARG A 116 42.85 -4.72 -14.85
N ASN A 117 41.78 -5.52 -14.82
CA ASN A 117 40.42 -5.00 -14.80
C ASN A 117 39.86 -5.16 -13.38
N LEU A 118 39.23 -4.10 -12.88
CA LEU A 118 38.66 -4.10 -11.54
C LEU A 118 37.34 -4.85 -11.56
N VAL A 119 37.29 -6.00 -10.89
CA VAL A 119 36.07 -6.81 -10.88
C VAL A 119 35.07 -6.26 -9.87
N SER A 120 35.52 -5.90 -8.67
CA SER A 120 34.64 -5.31 -7.66
C SER A 120 35.51 -4.55 -6.66
N VAL A 121 34.87 -3.64 -5.94
CA VAL A 121 35.55 -2.80 -4.94
C VAL A 121 34.58 -2.56 -3.79
N ALA A 122 35.11 -2.60 -2.58
CA ALA A 122 34.34 -2.30 -1.38
C ALA A 122 35.12 -1.26 -0.59
N GLY A 123 34.40 -0.39 0.10
CA GLY A 123 35.05 0.63 0.91
C GLY A 123 34.31 0.84 2.21
N ILE A 124 35.07 1.20 3.24
CA ILE A 124 34.51 1.60 4.52
C ILE A 124 35.11 2.95 4.91
N GLY A 125 34.33 3.74 5.63
CA GLY A 125 34.83 5.04 6.08
C GLY A 125 34.97 5.99 4.91
N SER A 126 35.41 7.21 5.20
CA SER A 126 35.56 8.23 4.17
C SER A 126 36.86 9.00 4.37
N ALA A 127 37.71 9.00 3.35
CA ALA A 127 38.84 9.92 3.34
C ALA A 127 38.37 11.34 3.06
N VAL A 128 37.43 11.48 2.13
CA VAL A 128 36.78 12.75 1.83
C VAL A 128 35.43 12.41 1.22
N PHE A 129 34.41 13.21 1.54
CA PHE A 129 33.09 13.00 0.95
C PHE A 129 32.61 14.30 0.33
N PHE A 130 31.53 14.18 -0.43
CA PHE A 130 31.00 15.26 -1.24
C PHE A 130 29.49 15.18 -1.19
N ARG A 131 28.83 16.23 -0.69
CA ARG A 131 27.40 16.19 -0.42
C ARG A 131 26.88 17.61 -0.38
N ASP A 132 25.67 17.80 -0.90
CA ASP A 132 24.97 19.08 -0.81
C ASP A 132 23.48 18.81 -0.92
N LEU A 133 22.68 19.77 -0.45
CA LEU A 133 21.23 19.71 -0.66
C LEU A 133 20.83 20.27 -2.02
N ASP A 134 21.67 21.09 -2.64
CA ASP A 134 21.41 21.59 -3.97
C ASP A 134 21.88 20.59 -5.02
N PRO A 135 21.31 20.65 -6.23
CA PRO A 135 21.69 19.67 -7.26
C PRO A 135 23.19 19.71 -7.58
N PHE A 136 23.72 18.53 -7.84
CA PHE A 136 25.09 18.37 -8.32
C PHE A 136 25.36 19.31 -9.50
N SER A 137 26.40 20.13 -9.36
CA SER A 137 26.70 21.17 -10.33
C SER A 137 28.10 20.96 -10.88
N HIS A 138 28.44 21.75 -11.91
CA HIS A 138 29.79 21.69 -12.46
C HIS A 138 30.83 21.97 -11.39
N ASP A 139 30.55 22.90 -10.47
CA ASP A 139 31.47 23.20 -9.38
C ASP A 139 31.66 22.00 -8.47
N ASP A 140 30.59 21.24 -8.20
CA ASP A 140 30.73 20.04 -7.39
C ASP A 140 31.59 19.01 -8.09
N TRP A 141 31.41 18.86 -9.41
CA TRP A 141 32.27 17.97 -10.18
C TRP A 141 33.73 18.41 -10.11
N ARG A 142 33.99 19.71 -10.23
CA ARG A 142 35.35 20.20 -10.05
C ARG A 142 35.87 19.91 -8.66
N SER A 143 35.01 20.02 -7.65
CA SER A 143 35.42 19.71 -6.29
C SER A 143 35.92 18.27 -6.18
N ILE A 144 35.24 17.34 -6.85
CA ILE A 144 35.67 15.94 -6.83
C ILE A 144 36.95 15.77 -7.64
N ARG A 145 37.00 16.38 -8.84
CA ARG A 145 38.15 16.22 -9.72
C ARG A 145 39.44 16.68 -9.05
N ARG A 146 39.33 17.62 -8.14
CA ARG A 146 40.48 18.10 -7.36
C ARG A 146 41.18 16.96 -6.61
N PHE A 147 40.43 15.91 -6.25
CA PHE A 147 41.02 14.82 -5.47
C PHE A 147 41.44 13.63 -6.33
N LEU A 148 41.32 13.72 -7.65
CA LEU A 148 41.59 12.61 -8.54
C LEU A 148 42.79 12.92 -9.42
N SER A 149 43.32 11.89 -10.07
CA SER A 149 44.48 12.09 -10.95
C SER A 149 44.58 10.95 -11.94
N SER A 150 44.97 11.28 -13.18
CA SER A 150 45.17 10.27 -14.20
C SER A 150 46.34 9.34 -13.86
N THR A 151 47.31 9.81 -13.08
CA THR A 151 48.43 8.95 -12.70
C THR A 151 48.14 8.10 -11.46
N SER A 152 46.98 8.29 -10.82
CA SER A 152 46.51 7.43 -9.74
C SER A 152 45.15 6.88 -10.14
N PRO A 153 45.12 5.90 -11.05
CA PRO A 153 43.83 5.48 -11.65
C PRO A 153 42.86 4.87 -10.66
N LEU A 154 43.31 4.37 -9.50
CA LEU A 154 42.40 3.74 -8.56
C LEU A 154 41.90 4.67 -7.47
N ILE A 155 42.38 5.92 -7.41
CA ILE A 155 41.78 6.88 -6.50
C ILE A 155 40.43 7.28 -7.09
N ARG A 156 39.34 6.84 -6.46
CA ARG A 156 38.00 6.98 -7.03
C ARG A 156 37.00 7.39 -5.97
N ALA A 157 36.03 8.20 -6.37
CA ALA A 157 34.96 8.66 -5.49
C ALA A 157 33.69 7.92 -5.87
N TYR A 158 33.14 7.17 -4.91
CA TYR A 158 31.97 6.34 -5.17
C TYR A 158 30.71 7.01 -4.66
N GLY A 159 29.62 6.90 -5.42
CA GLY A 159 28.38 7.43 -4.92
C GLY A 159 27.38 7.66 -6.04
N GLY A 160 26.46 8.59 -5.80
CA GLY A 160 25.36 8.74 -6.73
C GLY A 160 24.63 10.06 -6.54
N MET A 161 23.62 10.25 -7.38
CA MET A 161 22.79 11.45 -7.39
C MET A 161 21.31 11.08 -7.43
N ARG A 162 20.49 11.96 -6.87
CA ARG A 162 19.04 11.77 -6.90
C ARG A 162 18.52 11.70 -8.33
N PHE A 163 17.47 10.89 -8.53
CA PHE A 163 16.72 10.95 -9.78
C PHE A 163 16.27 12.39 -10.07
N ASP A 164 15.59 13.01 -9.11
CA ASP A 164 15.17 14.41 -9.23
C ASP A 164 15.78 15.18 -8.07
N PRO A 165 16.89 15.89 -8.31
CA PRO A 165 17.55 16.62 -7.22
C PRO A 165 16.77 17.83 -6.73
N ASN A 166 15.69 18.21 -7.41
CA ASN A 166 14.87 19.32 -6.95
C ASN A 166 13.59 18.86 -6.26
N GLY A 167 13.39 17.54 -6.13
CA GLY A 167 12.21 17.06 -5.48
C GLY A 167 12.33 17.14 -3.97
N LYS A 168 11.18 17.13 -3.32
CA LYS A 168 11.17 17.10 -1.86
C LYS A 168 11.79 15.79 -1.38
N ILE A 169 12.76 15.90 -0.46
CA ILE A 169 13.49 14.74 0.03
C ILE A 169 12.75 14.15 1.22
N ALA A 170 12.31 12.90 1.09
CA ALA A 170 11.64 12.21 2.19
C ALA A 170 12.66 11.83 3.27
N VAL A 171 12.14 11.55 4.47
CA VAL A 171 13.01 11.31 5.62
C VAL A 171 14.00 10.19 5.33
N GLU A 172 13.53 9.10 4.71
CA GLU A 172 14.40 7.96 4.51
C GLU A 172 15.57 8.28 3.58
N TRP A 173 15.43 9.28 2.71
CA TRP A 173 16.49 9.65 1.78
C TRP A 173 17.30 10.85 2.25
N GLU A 174 16.91 11.47 3.37
CA GLU A 174 17.60 12.68 3.85
C GLU A 174 19.12 12.53 3.95
N PRO A 175 19.70 11.45 4.48
CA PRO A 175 21.17 11.41 4.60
C PRO A 175 21.89 11.48 3.27
N PHE A 176 21.23 11.14 2.16
CA PHE A 176 21.87 11.13 0.86
C PHE A 176 21.95 12.52 0.23
N GLY A 177 21.15 13.47 0.72
CA GLY A 177 21.15 14.79 0.12
C GLY A 177 20.76 14.74 -1.36
N ALA A 178 21.14 15.80 -2.09
CA ALA A 178 20.92 15.77 -3.53
C ALA A 178 21.90 14.84 -4.22
N PHE A 179 23.06 14.61 -3.61
CA PHE A 179 24.07 13.70 -4.14
C PHE A 179 25.03 13.38 -3.00
N TYR A 180 25.69 12.23 -3.12
CA TYR A 180 26.63 11.78 -2.10
C TYR A 180 27.72 10.96 -2.76
N PHE A 181 28.97 11.38 -2.58
CA PHE A 181 30.13 10.65 -3.10
C PHE A 181 31.18 10.58 -2.02
N SER A 182 31.96 9.50 -2.02
CA SER A 182 33.01 9.41 -1.01
C SER A 182 34.18 8.59 -1.55
N VAL A 183 35.38 9.06 -1.22
CA VAL A 183 36.61 8.28 -1.39
C VAL A 183 36.79 7.46 -0.11
N PRO A 184 36.84 6.13 -0.19
CA PRO A 184 36.88 5.33 1.04
C PRO A 184 38.13 5.58 1.86
N GLN A 185 37.96 5.42 3.17
CA GLN A 185 39.10 5.42 4.08
C GLN A 185 39.95 4.18 3.88
N VAL A 186 39.31 3.01 3.80
CA VAL A 186 39.97 1.74 3.54
C VAL A 186 39.12 1.02 2.50
N GLU A 187 39.77 0.39 1.53
CA GLU A 187 39.02 -0.29 0.48
C GLU A 187 39.72 -1.57 0.08
N PHE A 188 38.94 -2.46 -0.50
CA PHE A 188 39.45 -3.73 -1.02
C PHE A 188 39.13 -3.79 -2.51
N ASN A 189 40.13 -4.11 -3.32
CA ASN A 189 39.97 -4.18 -4.77
C ASN A 189 40.12 -5.63 -5.21
N GLU A 190 39.15 -6.13 -5.96
CA GLU A 190 39.21 -7.46 -6.55
C GLU A 190 39.52 -7.34 -8.04
N PHE A 191 40.62 -7.93 -8.46
CA PHE A 191 41.00 -8.00 -9.88
C PHE A 191 40.78 -9.42 -10.38
N GLY A 192 41.15 -9.64 -11.64
CA GLY A 192 40.95 -10.92 -12.29
C GLY A 192 41.59 -12.09 -11.55
N GLY A 193 42.87 -11.99 -11.22
CA GLY A 193 43.55 -13.06 -10.53
C GLY A 193 44.40 -12.59 -9.36
N SER A 194 43.98 -11.50 -8.73
CA SER A 194 44.71 -10.94 -7.59
C SER A 194 43.81 -9.90 -6.92
N SER A 195 44.29 -9.34 -5.82
CA SER A 195 43.48 -8.40 -5.04
C SER A 195 44.39 -7.30 -4.50
N MET A 196 43.78 -6.42 -3.72
CA MET A 196 44.49 -5.27 -3.19
C MET A 196 43.74 -4.70 -1.98
N LEU A 197 44.48 -4.39 -0.92
CA LEU A 197 43.95 -3.63 0.20
C LEU A 197 44.61 -2.27 0.19
N ALA A 198 43.80 -1.22 0.31
CA ALA A 198 44.33 0.13 0.20
C ALA A 198 43.71 1.01 1.28
N ALA A 199 44.42 2.08 1.60
CA ALA A 199 43.90 3.10 2.50
C ALA A 199 44.24 4.43 1.88
N THR A 200 43.35 5.41 2.05
CA THR A 200 43.53 6.71 1.43
C THR A 200 43.51 7.79 2.50
N ILE A 201 44.58 8.60 2.52
CA ILE A 201 44.75 9.70 3.45
C ILE A 201 44.50 10.98 2.67
N ALA A 202 43.43 11.69 2.98
CA ALA A 202 43.11 12.96 2.35
C ALA A 202 43.05 14.05 3.41
N TRP A 203 43.52 15.24 3.07
CA TRP A 203 43.51 16.30 4.07
C TRP A 203 43.51 17.65 3.36
N ASP A 204 43.02 18.65 4.08
CA ASP A 204 43.00 20.04 3.61
C ASP A 204 42.93 20.90 4.86
N ASP A 205 44.06 21.51 5.23
CA ASP A 205 44.10 22.38 6.40
C ASP A 205 43.01 23.45 6.36
N GLU A 206 42.65 23.92 5.16
CA GLU A 206 41.65 24.98 5.08
C GLU A 206 40.29 24.51 5.55
N LEU A 207 39.98 23.23 5.41
CA LEU A 207 38.75 22.65 5.92
C LEU A 207 38.90 22.11 7.33
N SER A 208 39.99 22.45 8.03
CA SER A 208 40.25 22.00 9.39
C SER A 208 40.27 20.48 9.50
N TRP A 209 40.73 19.80 8.46
CA TRP A 209 40.93 18.35 8.49
C TRP A 209 42.39 18.14 8.10
N THR A 210 43.25 18.14 9.11
CA THR A 210 44.69 18.13 8.87
C THR A 210 45.17 16.72 8.54
N LEU A 211 46.40 16.66 8.01
CA LEU A 211 47.04 15.36 7.83
C LEU A 211 47.04 14.56 9.13
N GLU A 212 47.37 15.24 10.24
CA GLU A 212 47.35 14.58 11.55
C GLU A 212 45.96 14.05 11.89
N ASN A 213 44.92 14.87 11.68
CA ASN A 213 43.55 14.40 11.90
C ASN A 213 43.28 13.14 11.07
N ALA A 214 43.64 13.18 9.79
CA ALA A 214 43.31 12.09 8.88
C ALA A 214 44.04 10.81 9.25
N ILE A 215 45.34 10.92 9.60
CA ILE A 215 46.09 9.72 9.97
C ILE A 215 45.54 9.13 11.26
N GLU A 216 45.17 9.99 12.22
CA GLU A 216 44.63 9.51 13.50
C GLU A 216 43.33 8.74 13.29
N ALA A 217 42.42 9.29 12.47
CA ALA A 217 41.18 8.58 12.16
C ALA A 217 41.47 7.28 11.43
N LEU A 218 42.42 7.30 10.50
CA LEU A 218 42.70 6.10 9.71
C LEU A 218 43.34 5.01 10.57
N GLN A 219 44.25 5.38 11.47
CA GLN A 219 44.86 4.36 12.32
C GLN A 219 43.81 3.68 13.20
N GLU A 220 42.80 4.44 13.64
CA GLU A 220 41.75 3.83 14.45
C GLU A 220 40.93 2.84 13.64
N THR A 221 40.58 3.21 12.41
CA THR A 221 39.87 2.28 11.54
C THR A 221 40.73 1.06 11.20
N MET A 222 42.02 1.30 10.90
CA MET A 222 42.89 0.22 10.44
C MET A 222 43.00 -0.90 11.49
N LEU A 223 43.06 -0.53 12.78
CA LEU A 223 43.11 -1.56 13.82
C LEU A 223 41.81 -2.35 13.94
N GLN A 224 40.72 -1.84 13.38
CA GLN A 224 39.45 -2.57 13.42
C GLN A 224 39.25 -3.45 12.20
N VAL A 225 40.03 -3.25 11.14
CA VAL A 225 39.80 -3.98 9.90
C VAL A 225 40.01 -5.48 10.13
N SER A 226 39.07 -6.29 9.62
CA SER A 226 39.15 -7.73 9.77
C SER A 226 39.83 -8.35 8.56
N SER A 227 40.66 -9.36 8.80
CA SER A 227 41.20 -10.17 7.73
C SER A 227 40.56 -11.55 7.65
N VAL A 228 39.49 -11.79 8.41
CA VAL A 228 38.81 -13.10 8.41
C VAL A 228 37.80 -13.03 7.28
N VAL A 229 38.31 -13.12 6.05
CA VAL A 229 37.51 -12.94 4.84
C VAL A 229 36.98 -14.31 4.47
N MET A 230 35.84 -14.67 5.07
CA MET A 230 35.18 -15.92 4.76
C MET A 230 34.45 -15.82 3.42
N LYS A 231 34.50 -16.88 2.63
CA LYS A 231 33.70 -16.94 1.41
C LYS A 231 32.27 -17.29 1.80
N LEU A 232 31.40 -16.28 1.86
CA LEU A 232 30.01 -16.47 2.25
C LEU A 232 29.23 -17.06 1.09
N ARG A 233 28.61 -18.22 1.31
CA ARG A 233 27.73 -18.80 0.32
C ARG A 233 26.34 -19.08 0.86
N ASN A 234 26.11 -18.94 2.16
CA ASN A 234 24.83 -19.24 2.78
C ASN A 234 23.74 -18.34 2.22
N ARG A 235 22.69 -18.97 1.68
CA ARG A 235 21.58 -18.25 1.05
C ARG A 235 20.52 -17.78 2.05
N SER A 236 20.42 -18.45 3.21
CA SER A 236 19.45 -18.05 4.21
C SER A 236 19.81 -16.68 4.78
N LEU A 237 18.87 -15.73 4.69
CA LEU A 237 19.07 -14.42 5.28
C LEU A 237 18.53 -14.33 6.70
N GLY A 238 17.79 -15.34 7.15
CA GLY A 238 17.37 -15.40 8.54
C GLY A 238 16.40 -14.34 8.99
N VAL A 239 15.64 -13.74 8.07
CA VAL A 239 14.62 -12.77 8.43
C VAL A 239 13.27 -13.29 7.96
N SER A 240 12.22 -12.84 8.66
CA SER A 240 10.84 -13.15 8.29
C SER A 240 10.16 -11.87 7.84
N VAL A 241 9.48 -11.94 6.71
CA VAL A 241 8.71 -10.80 6.20
C VAL A 241 7.37 -10.76 6.93
N LEU A 242 7.10 -9.67 7.65
CA LEU A 242 5.86 -9.54 8.40
C LEU A 242 4.74 -8.90 7.60
N SER A 243 5.06 -8.05 6.62
CA SER A 243 4.06 -7.48 5.75
C SER A 243 4.74 -6.95 4.49
N LYS A 244 3.93 -6.85 3.43
CA LYS A 244 4.33 -6.24 2.17
C LYS A 244 3.18 -5.37 1.66
N ASN A 245 3.50 -4.11 1.34
CA ASN A 245 2.53 -3.14 0.85
C ASN A 245 3.17 -2.34 -0.26
N HIS A 246 2.40 -2.03 -1.29
CA HIS A 246 2.88 -1.26 -2.43
C HIS A 246 2.41 0.19 -2.33
N VAL A 247 3.26 1.11 -2.74
CA VAL A 247 2.84 2.49 -3.01
C VAL A 247 3.27 2.81 -4.44
N PRO A 248 2.34 3.02 -5.37
CA PRO A 248 0.88 2.95 -5.19
C PRO A 248 0.37 1.54 -5.00
N THR A 249 -0.77 1.41 -4.32
CA THR A 249 -1.48 0.13 -4.32
C THR A 249 -1.93 -0.21 -5.74
N LYS A 250 -2.25 -1.49 -5.95
CA LYS A 250 -2.77 -1.91 -7.23
C LYS A 250 -4.03 -1.13 -7.61
N GLY A 251 -4.84 -0.77 -6.60
CA GLY A 251 -6.07 -0.05 -6.88
C GLY A 251 -5.84 1.38 -7.33
N ALA A 252 -4.78 2.02 -6.82
CA ALA A 252 -4.43 3.36 -7.26
C ALA A 252 -3.55 3.37 -8.50
N TYR A 253 -2.83 2.28 -8.76
CA TYR A 253 -1.93 2.21 -9.91
C TYR A 253 -2.71 2.19 -11.21
N PHE A 254 -3.77 1.39 -11.27
CA PHE A 254 -4.53 1.27 -12.52
C PHE A 254 -5.10 2.61 -12.99
N PRO A 255 -5.72 3.44 -12.13
CA PRO A 255 -6.14 4.77 -12.61
C PRO A 255 -4.99 5.68 -12.95
N ALA A 256 -3.85 5.53 -12.27
CA ALA A 256 -2.68 6.34 -12.61
C ALA A 256 -2.22 6.06 -14.03
N VAL A 257 -2.08 4.79 -14.39
CA VAL A 257 -1.70 4.42 -15.75
C VAL A 257 -2.77 4.90 -16.74
N GLU A 258 -4.06 4.78 -16.36
CA GLU A 258 -5.13 5.25 -17.24
C GLU A 258 -5.04 6.75 -17.47
N LYS A 259 -4.63 7.50 -16.44
CA LYS A 259 -4.45 8.94 -16.60
C LYS A 259 -3.34 9.25 -17.59
N ALA A 260 -2.22 8.52 -17.51
CA ALA A 260 -1.12 8.72 -18.45
C ALA A 260 -1.55 8.35 -19.85
N LEU A 261 -2.29 7.25 -19.99
CA LEU A 261 -2.74 6.81 -21.31
C LEU A 261 -3.66 7.84 -21.96
N GLU A 262 -4.50 8.50 -21.17
CA GLU A 262 -5.38 9.54 -21.74
C GLU A 262 -4.58 10.74 -22.19
N MET A 263 -3.59 11.16 -21.39
CA MET A 263 -2.74 12.28 -21.79
C MET A 263 -2.02 11.97 -23.08
N ILE A 264 -1.56 10.73 -23.23
CA ILE A 264 -0.84 10.33 -24.43
C ILE A 264 -1.77 10.35 -25.64
N ASN A 265 -2.95 9.76 -25.50
CA ASN A 265 -3.78 9.58 -26.69
C ASN A 265 -4.64 10.79 -27.04
N GLN A 266 -4.95 11.65 -26.08
CA GLN A 266 -5.67 12.87 -26.38
C GLN A 266 -4.68 13.98 -26.78
N LYS A 267 -5.22 15.08 -27.31
CA LYS A 267 -4.39 16.09 -27.95
C LYS A 267 -4.18 17.33 -27.09
N SER A 268 -4.59 17.30 -25.82
CA SER A 268 -4.29 18.40 -24.91
C SER A 268 -2.84 18.32 -24.45
N SER A 269 -2.34 17.10 -24.27
CA SER A 269 -1.00 16.88 -23.76
C SER A 269 -0.10 16.29 -24.84
N PRO A 270 1.18 16.69 -24.91
CA PRO A 270 2.10 16.10 -25.89
C PRO A 270 2.74 14.80 -25.43
N LEU A 271 2.38 14.32 -24.25
CA LEU A 271 3.09 13.18 -23.66
C LEU A 271 3.14 12.01 -24.63
N ASN A 272 4.32 11.40 -24.74
CA ASN A 272 4.47 10.17 -25.50
C ASN A 272 4.98 9.01 -24.64
N ARG A 273 5.68 9.29 -23.55
CA ARG A 273 6.27 8.23 -22.75
C ARG A 273 6.45 8.76 -21.33
N VAL A 274 6.08 7.96 -20.33
CA VAL A 274 6.37 8.30 -18.95
C VAL A 274 6.69 7.02 -18.20
N VAL A 275 7.71 7.08 -17.35
CA VAL A 275 8.10 5.96 -16.52
C VAL A 275 7.45 6.16 -15.16
N LEU A 276 6.56 5.24 -14.77
CA LEU A 276 5.85 5.32 -13.50
C LEU A 276 6.36 4.21 -12.60
N ALA A 277 6.71 4.57 -11.37
CA ALA A 277 7.37 3.63 -10.46
C ALA A 277 6.49 3.32 -9.26
N ARG A 278 6.94 2.31 -8.51
CA ARG A 278 6.25 1.77 -7.36
C ARG A 278 7.27 1.40 -6.30
N ASN A 279 6.95 1.72 -5.05
CA ASN A 279 7.76 1.41 -3.87
C ASN A 279 7.07 0.26 -3.14
N SER A 280 7.71 -0.89 -3.11
CA SER A 280 7.18 -2.06 -2.43
C SER A 280 7.84 -2.15 -1.06
N ARG A 281 7.07 -1.91 0.00
CA ARG A 281 7.62 -1.83 1.35
C ARG A 281 7.46 -3.17 2.05
N ILE A 282 8.56 -3.71 2.56
CA ILE A 282 8.50 -4.94 3.32
C ILE A 282 8.98 -4.65 4.74
N ILE A 283 8.20 -5.10 5.72
CA ILE A 283 8.55 -5.00 7.12
C ILE A 283 9.05 -6.36 7.57
N THR A 284 10.17 -6.38 8.28
CA THR A 284 10.78 -7.63 8.74
C THR A 284 10.84 -7.63 10.26
N ASP A 285 10.95 -8.83 10.82
CA ASP A 285 11.01 -8.94 12.28
C ASP A 285 12.38 -8.50 12.81
N THR A 286 13.46 -8.87 12.11
CA THR A 286 14.80 -8.41 12.45
C THR A 286 15.43 -7.76 11.24
N ASP A 287 16.57 -7.12 11.48
CA ASP A 287 17.22 -6.30 10.46
C ASP A 287 17.81 -7.15 9.34
N ILE A 288 17.55 -6.73 8.10
CA ILE A 288 18.23 -7.34 6.96
C ILE A 288 19.67 -6.87 6.92
N ASP A 289 20.58 -7.80 6.68
CA ASP A 289 21.98 -7.45 6.41
C ASP A 289 22.06 -7.05 4.94
N PRO A 290 22.23 -5.76 4.62
CA PRO A 290 22.16 -5.37 3.21
C PRO A 290 23.32 -5.90 2.38
N ILE A 291 24.49 -6.13 3.01
CA ILE A 291 25.62 -6.65 2.26
C ILE A 291 25.40 -8.12 1.93
N ALA A 292 24.92 -8.89 2.92
CA ALA A 292 24.58 -10.28 2.66
C ALA A 292 23.53 -10.40 1.57
N TRP A 293 22.51 -9.52 1.61
CA TRP A 293 21.47 -9.51 0.58
C TRP A 293 22.07 -9.25 -0.78
N LEU A 294 22.87 -8.18 -0.88
CA LEU A 294 23.54 -7.85 -2.13
C LEU A 294 24.40 -9.01 -2.62
N ALA A 295 25.12 -9.68 -1.71
CA ALA A 295 25.96 -10.80 -2.12
C ALA A 295 25.13 -11.93 -2.73
N GLN A 296 23.90 -12.15 -2.25
CA GLN A 296 23.02 -13.15 -2.86
C GLN A 296 22.64 -12.76 -4.28
N LEU A 297 22.32 -11.48 -4.50
CA LEU A 297 21.99 -11.04 -5.85
C LEU A 297 23.19 -11.14 -6.77
N GLN A 298 24.40 -10.83 -6.26
CA GLN A 298 25.59 -10.86 -7.10
C GLN A 298 25.91 -12.28 -7.56
N ARG A 299 25.81 -13.25 -6.65
CA ARG A 299 26.08 -14.63 -7.03
C ARG A 299 25.17 -15.10 -8.15
N GLU A 300 23.97 -14.50 -8.26
CA GLU A 300 23.05 -14.81 -9.34
C GLU A 300 23.04 -13.77 -10.44
N GLY A 301 23.50 -12.54 -10.16
CA GLY A 301 23.49 -11.46 -11.13
C GLY A 301 24.13 -11.84 -12.45
N HIS A 302 23.47 -11.50 -13.54
CA HIS A 302 23.97 -11.80 -14.88
C HIS A 302 24.14 -10.49 -15.62
N ASP A 303 25.39 -10.10 -15.87
CA ASP A 303 25.67 -8.92 -16.67
C ASP A 303 24.98 -7.71 -16.04
N ALA A 304 25.36 -7.44 -14.78
CA ALA A 304 24.69 -6.42 -14.01
C ALA A 304 25.70 -5.72 -13.09
N TYR A 305 25.39 -4.46 -12.79
CA TYR A 305 26.12 -3.71 -11.78
C TYR A 305 25.56 -4.01 -10.40
N GLN A 306 26.43 -4.38 -9.46
CA GLN A 306 26.06 -4.43 -8.06
C GLN A 306 26.61 -3.19 -7.34
N PHE A 307 25.82 -2.64 -6.44
CA PHE A 307 26.27 -1.45 -5.73
C PHE A 307 25.68 -1.39 -4.32
N CYS A 308 26.41 -0.69 -3.46
CA CYS A 308 25.92 -0.28 -2.16
C CYS A 308 26.39 1.14 -1.89
N LEU A 309 25.47 2.00 -1.45
CA LEU A 309 25.81 3.33 -0.97
C LEU A 309 25.13 3.54 0.38
N GLN A 310 25.92 3.73 1.43
CA GLN A 310 25.37 3.90 2.76
C GLN A 310 26.13 4.98 3.52
N PRO A 311 25.63 6.22 3.49
CA PRO A 311 26.25 7.30 4.27
C PRO A 311 26.12 7.05 5.75
N PRO A 312 26.88 7.75 6.60
CA PRO A 312 26.83 7.49 8.04
C PRO A 312 25.41 7.65 8.58
N GLY A 313 24.99 6.67 9.37
CA GLY A 313 23.67 6.67 10.00
C GLY A 313 22.51 6.49 9.04
N ALA A 314 22.76 6.18 7.78
CA ALA A 314 21.74 6.09 6.75
C ALA A 314 21.35 4.65 6.50
N PRO A 315 20.17 4.42 5.91
CA PRO A 315 19.89 3.10 5.32
C PRO A 315 20.89 2.82 4.21
N ALA A 316 20.95 1.56 3.80
CA ALA A 316 21.85 1.15 2.74
C ALA A 316 21.07 1.08 1.44
N PHE A 317 21.51 1.83 0.44
CA PHE A 317 20.96 1.76 -0.91
C PHE A 317 21.75 0.72 -1.70
N ILE A 318 21.11 -0.39 -2.05
CA ILE A 318 21.79 -1.47 -2.75
C ILE A 318 21.02 -1.77 -4.02
N GLY A 319 21.71 -2.39 -4.98
CA GLY A 319 21.01 -2.74 -6.20
C GLY A 319 21.83 -3.66 -7.06
N ASN A 320 21.15 -4.26 -8.04
CA ASN A 320 21.73 -5.20 -9.00
C ASN A 320 21.09 -4.86 -10.34
N THR A 321 21.68 -3.89 -11.04
CA THR A 321 21.02 -3.28 -12.18
C THR A 321 21.73 -3.58 -13.50
N PRO A 322 20.97 -3.91 -14.55
CA PRO A 322 21.58 -4.17 -15.86
C PRO A 322 21.92 -2.92 -16.64
N GLU A 323 21.45 -1.76 -16.20
CA GLU A 323 21.41 -0.58 -17.06
C GLU A 323 22.57 0.37 -16.79
N ARG A 324 23.29 0.71 -17.86
CA ARG A 324 24.38 1.68 -17.81
C ARG A 324 23.87 3.07 -18.14
N LEU A 325 24.29 4.06 -17.37
CA LEU A 325 24.11 5.45 -17.81
C LEU A 325 25.24 5.84 -18.75
N PHE A 326 26.49 5.86 -18.26
CA PHE A 326 27.61 5.93 -19.19
C PHE A 326 28.87 5.35 -18.56
N GLN A 327 29.79 4.96 -19.42
CA GLN A 327 31.16 4.63 -19.04
C GLN A 327 32.10 5.52 -19.82
N ARG A 328 33.11 6.07 -19.14
CA ARG A 328 34.13 6.85 -19.80
C ARG A 328 35.49 6.21 -19.55
N THR A 329 36.23 5.96 -20.62
CA THR A 329 37.64 5.58 -20.55
C THR A 329 38.41 6.61 -21.36
N GLN A 330 39.13 7.49 -20.68
CA GLN A 330 39.80 8.63 -21.31
C GLN A 330 38.82 9.41 -22.19
N LEU A 331 39.00 9.39 -23.50
CA LEU A 331 38.12 10.16 -24.37
C LEU A 331 36.91 9.39 -24.90
N GLY A 332 36.84 8.09 -24.69
CA GLY A 332 35.70 7.31 -25.16
C GLY A 332 34.58 7.26 -24.12
N VAL A 333 33.36 7.55 -24.57
CA VAL A 333 32.19 7.40 -23.71
C VAL A 333 31.22 6.44 -24.39
N CYS A 334 30.55 5.62 -23.59
CA CYS A 334 29.51 4.79 -24.15
C CYS A 334 28.30 4.80 -23.23
N SER A 335 27.14 4.58 -23.84
CA SER A 335 25.88 4.59 -23.14
C SER A 335 24.99 3.57 -23.84
N GLU A 336 23.70 3.57 -23.52
CA GLU A 336 22.78 2.62 -24.11
C GLU A 336 21.36 3.14 -23.99
N ALA A 337 20.46 2.51 -24.76
CA ALA A 337 19.07 2.92 -24.84
C ALA A 337 18.20 1.67 -24.73
N LEU A 338 17.04 1.82 -24.08
CA LEU A 338 16.13 0.70 -23.92
C LEU A 338 14.71 1.22 -24.02
N ALA A 339 13.80 0.31 -24.38
CA ALA A 339 12.37 0.57 -24.45
C ALA A 339 11.67 -0.73 -24.83
N ALA A 340 10.35 -0.73 -24.65
CA ALA A 340 9.46 -1.81 -25.09
C ALA A 340 9.81 -3.10 -24.36
N THR A 341 9.37 -3.22 -23.12
CA THR A 341 9.71 -4.36 -22.28
C THR A 341 8.57 -5.35 -22.27
N ARG A 342 8.91 -6.64 -22.27
CA ARG A 342 7.94 -7.72 -22.19
C ARG A 342 8.56 -8.82 -21.34
N PRO A 343 7.80 -9.80 -20.85
CA PRO A 343 8.40 -10.85 -20.02
C PRO A 343 9.30 -11.79 -20.83
N ARG A 344 10.13 -12.50 -20.10
CA ARG A 344 10.68 -13.75 -20.59
C ARG A 344 9.61 -14.83 -20.49
N ALA A 345 9.84 -15.95 -21.17
CA ALA A 345 8.94 -17.09 -21.07
C ALA A 345 9.73 -18.34 -20.76
N ALA A 346 9.13 -19.24 -19.97
CA ALA A 346 9.79 -20.48 -19.62
C ALA A 346 10.01 -21.37 -20.85
N SER A 347 9.00 -21.46 -21.70
CA SER A 347 9.09 -22.20 -22.95
C SER A 347 9.97 -21.47 -23.95
N SER A 348 10.88 -22.21 -24.59
CA SER A 348 11.73 -21.64 -25.62
C SER A 348 10.92 -21.05 -26.77
N ALA A 349 9.82 -21.69 -27.15
CA ALA A 349 9.05 -21.19 -28.29
C ALA A 349 8.31 -19.90 -27.93
N ARG A 350 7.76 -19.83 -26.72
CA ARG A 350 7.07 -18.61 -26.31
C ARG A 350 8.06 -17.47 -26.09
N ASP A 351 9.26 -17.78 -25.57
CA ASP A 351 10.27 -16.75 -25.40
C ASP A 351 10.67 -16.13 -26.73
N MET A 352 10.85 -16.99 -27.75
CA MET A 352 11.24 -16.53 -29.07
C MET A 352 10.13 -15.74 -29.74
N GLU A 353 8.87 -16.14 -29.51
CA GLU A 353 7.75 -15.42 -30.11
C GLU A 353 7.64 -14.01 -29.53
N ILE A 354 7.82 -13.86 -28.23
CA ILE A 354 7.79 -12.53 -27.62
C ILE A 354 8.90 -11.67 -28.21
N GLU A 355 10.10 -12.24 -28.31
CA GLU A 355 11.25 -11.50 -28.84
C GLU A 355 10.99 -11.08 -30.28
N ARG A 356 10.42 -11.96 -31.10
CA ARG A 356 10.11 -11.58 -32.46
C ARG A 356 9.06 -10.49 -32.52
N ASP A 357 8.06 -10.54 -31.64
CA ASP A 357 7.06 -9.48 -31.60
C ASP A 357 7.71 -8.13 -31.31
N LEU A 358 8.68 -8.11 -30.38
CA LEU A 358 9.41 -6.86 -30.11
C LEU A 358 10.19 -6.40 -31.34
N LEU A 359 10.82 -7.33 -32.05
CA LEU A 359 11.72 -6.96 -33.14
C LEU A 359 10.98 -6.55 -34.41
N THR A 360 9.72 -6.95 -34.55
CA THR A 360 8.98 -6.70 -35.77
C THR A 360 7.88 -5.67 -35.64
N SER A 361 7.43 -5.37 -34.42
CA SER A 361 6.33 -4.44 -34.20
C SER A 361 6.68 -3.04 -34.70
N PRO A 362 5.92 -2.47 -35.64
CA PRO A 362 6.18 -1.07 -36.04
C PRO A 362 6.03 -0.11 -34.88
N LYS A 363 5.06 -0.37 -34.00
CA LYS A 363 4.83 0.53 -32.87
C LYS A 363 6.01 0.50 -31.91
N ASP A 364 6.46 -0.70 -31.52
CA ASP A 364 7.63 -0.80 -30.66
C ASP A 364 8.85 -0.15 -31.30
N ASP A 365 9.01 -0.31 -32.62
CA ASP A 365 10.14 0.32 -33.30
C ASP A 365 10.09 1.84 -33.15
N LEU A 366 8.89 2.42 -33.33
CA LEU A 366 8.75 3.86 -33.15
C LEU A 366 9.03 4.30 -31.72
N GLU A 367 8.54 3.53 -30.74
CA GLU A 367 8.71 3.90 -29.33
C GLU A 367 10.17 3.75 -28.91
N PHE A 368 10.84 2.71 -29.40
CA PHE A 368 12.27 2.55 -29.14
C PHE A 368 13.06 3.67 -29.79
N SER A 369 12.69 4.03 -31.02
CA SER A 369 13.45 5.05 -31.75
C SER A 369 13.46 6.37 -31.01
N ILE A 370 12.33 6.77 -30.40
CA ILE A 370 12.35 8.08 -29.76
C ILE A 370 13.29 8.08 -28.56
N VAL A 371 13.44 6.93 -27.88
CA VAL A 371 14.40 6.84 -26.78
C VAL A 371 15.83 6.81 -27.33
N ARG A 372 16.08 5.90 -28.27
CA ARG A 372 17.43 5.76 -28.83
C ARG A 372 17.92 7.08 -29.44
N GLU A 373 17.07 7.73 -30.23
CA GLU A 373 17.51 8.93 -30.92
C GLU A 373 17.68 10.12 -29.97
N ASN A 374 16.91 10.15 -28.88
CA ASN A 374 17.08 11.18 -27.86
C ASN A 374 18.44 11.04 -27.19
N ILE A 375 18.81 9.82 -26.78
CA ILE A 375 20.11 9.61 -26.16
C ILE A 375 21.23 9.85 -27.17
N ARG A 376 21.04 9.41 -28.41
CA ARG A 376 22.04 9.63 -29.45
C ARG A 376 22.35 11.10 -29.61
N GLU A 377 21.31 11.94 -29.66
CA GLU A 377 21.57 13.35 -29.89
C GLU A 377 22.16 14.03 -28.65
N LYS A 378 21.86 13.55 -27.45
CA LYS A 378 22.59 14.05 -26.28
C LYS A 378 24.09 13.83 -26.42
N LEU A 379 24.48 12.63 -26.83
CA LEU A 379 25.90 12.35 -27.08
C LEU A 379 26.42 13.18 -28.25
N ASN A 380 25.62 13.33 -29.31
CA ASN A 380 26.05 14.03 -30.50
C ASN A 380 26.30 15.51 -30.26
N GLY A 381 25.65 16.09 -29.25
CA GLY A 381 25.92 17.48 -28.92
C GLY A 381 27.26 17.71 -28.27
N ILE A 382 27.89 16.66 -27.78
CA ILE A 382 29.15 16.77 -27.04
C ILE A 382 30.30 16.12 -27.80
N CYS A 383 30.06 14.96 -28.39
CA CYS A 383 31.06 14.17 -29.09
C CYS A 383 31.09 14.56 -30.56
N ASP A 384 32.30 14.54 -31.14
CA ASP A 384 32.42 14.71 -32.58
C ASP A 384 31.61 13.64 -33.29
N ARG A 385 32.03 12.39 -33.15
CA ARG A 385 31.40 11.25 -33.78
C ARG A 385 30.60 10.45 -32.76
N VAL A 386 29.46 9.93 -33.19
CA VAL A 386 28.65 9.01 -32.39
C VAL A 386 28.41 7.76 -33.21
N VAL A 387 28.62 6.60 -32.60
CA VAL A 387 28.35 5.30 -33.21
C VAL A 387 27.18 4.66 -32.48
N VAL A 388 26.28 4.03 -33.24
CA VAL A 388 25.15 3.29 -32.69
C VAL A 388 25.26 1.86 -33.15
N LYS A 389 25.26 0.91 -32.20
CA LYS A 389 25.45 -0.48 -32.62
C LYS A 389 24.87 -1.46 -31.60
N PRO A 390 23.90 -2.30 -31.97
CA PRO A 390 23.21 -2.25 -33.26
C PRO A 390 22.16 -1.16 -33.21
N GLN A 391 21.46 -0.90 -34.32
CA GLN A 391 20.32 0.01 -34.27
C GLN A 391 19.24 -0.54 -33.36
N LYS A 392 19.06 -1.87 -33.33
CA LYS A 392 17.94 -2.45 -32.58
C LYS A 392 18.19 -3.93 -32.39
N THR A 393 18.27 -4.38 -31.15
CA THR A 393 18.26 -5.81 -30.83
C THR A 393 17.37 -5.98 -29.62
N VAL A 394 17.17 -7.23 -29.19
CA VAL A 394 16.49 -7.49 -27.93
C VAL A 394 17.53 -7.96 -26.92
N ARG A 395 17.62 -7.26 -25.80
CA ARG A 395 18.46 -7.69 -24.69
C ARG A 395 17.62 -8.55 -23.76
N LYS A 396 18.08 -9.76 -23.50
CA LYS A 396 17.34 -10.73 -22.70
C LYS A 396 17.87 -10.69 -21.27
N LEU A 397 17.04 -10.24 -20.34
CA LEU A 397 17.39 -10.24 -18.94
C LEU A 397 16.78 -11.49 -18.28
N ALA A 398 17.01 -11.62 -16.97
CA ALA A 398 16.56 -12.81 -16.26
C ALA A 398 15.05 -13.00 -16.38
N ARG A 399 14.29 -11.93 -16.20
CA ARG A 399 12.84 -12.06 -16.15
C ARG A 399 12.08 -11.19 -17.14
N VAL A 400 12.76 -10.23 -17.79
CA VAL A 400 12.13 -9.43 -18.83
C VAL A 400 13.10 -9.34 -20.01
N GLN A 401 12.60 -8.83 -21.14
CA GLN A 401 13.44 -8.56 -22.29
C GLN A 401 12.91 -7.30 -22.97
N HIS A 402 13.79 -6.61 -23.70
CA HIS A 402 13.42 -5.29 -24.19
C HIS A 402 14.29 -4.91 -25.39
N LEU A 403 13.80 -3.94 -26.16
CA LEU A 403 14.61 -3.45 -27.26
C LEU A 403 15.82 -2.71 -26.70
N TYR A 404 16.91 -2.72 -27.46
CA TYR A 404 18.19 -2.34 -26.88
C TYR A 404 19.13 -1.86 -27.98
N SER A 405 20.00 -0.92 -27.61
CA SER A 405 21.01 -0.40 -28.51
C SER A 405 22.13 0.19 -27.66
N GLN A 406 23.36 0.06 -28.12
CA GLN A 406 24.52 0.69 -27.50
C GLN A 406 24.98 1.88 -28.34
N LEU A 407 25.48 2.90 -27.65
CA LEU A 407 25.87 4.15 -28.30
C LEU A 407 27.21 4.61 -27.73
N ALA A 408 28.07 5.13 -28.59
CA ALA A 408 29.40 5.52 -28.13
C ALA A 408 29.87 6.73 -28.92
N GLY A 409 30.75 7.50 -28.30
CA GLY A 409 31.30 8.65 -28.98
C GLY A 409 32.62 9.02 -28.35
N ARG A 410 33.38 9.83 -29.07
CA ARG A 410 34.67 10.27 -28.56
C ARG A 410 34.58 11.73 -28.15
N LEU A 411 35.05 12.01 -26.94
CA LEU A 411 35.07 13.36 -26.43
C LEU A 411 36.22 14.15 -27.05
N THR A 412 36.06 15.47 -27.10
CA THR A 412 37.21 16.29 -27.51
C THR A 412 38.20 16.46 -26.36
N LYS A 413 37.73 16.41 -25.12
CA LYS A 413 38.63 16.47 -23.97
C LYS A 413 37.99 15.74 -22.79
N GLU A 414 38.84 15.23 -21.90
CA GLU A 414 38.33 14.42 -20.80
C GLU A 414 37.44 15.24 -19.86
N ASP A 415 37.66 16.57 -19.82
CA ASP A 415 36.85 17.41 -18.95
C ASP A 415 35.40 17.50 -19.40
N ASP A 416 35.09 17.11 -20.64
CA ASP A 416 33.69 17.04 -21.06
C ASP A 416 32.93 15.92 -20.36
N GLU A 417 33.56 15.19 -19.43
CA GLU A 417 32.85 14.18 -18.65
C GLU A 417 31.62 14.77 -17.99
N TYR A 418 31.74 15.97 -17.41
CA TYR A 418 30.60 16.55 -16.72
C TYR A 418 29.46 16.79 -17.68
N LYS A 419 29.76 17.28 -18.89
CA LYS A 419 28.71 17.53 -19.86
C LYS A 419 27.94 16.27 -20.20
N ILE A 420 28.64 15.13 -20.29
CA ILE A 420 27.99 13.86 -20.58
C ILE A 420 27.00 13.51 -19.48
N LEU A 421 27.46 13.60 -18.22
CA LEU A 421 26.61 13.26 -17.08
C LEU A 421 25.39 14.19 -17.02
N ALA A 422 25.61 15.50 -17.19
CA ALA A 422 24.52 16.47 -17.15
C ALA A 422 23.54 16.27 -18.29
N ALA A 423 24.03 15.91 -19.48
CA ALA A 423 23.13 15.69 -20.62
C ALA A 423 22.31 14.41 -20.46
N LEU A 424 22.92 13.34 -19.97
CA LEU A 424 22.26 12.04 -20.02
C LEU A 424 21.26 11.87 -18.88
N HIS A 425 21.63 12.23 -17.65
CA HIS A 425 20.70 11.98 -16.55
C HIS A 425 19.60 13.03 -16.51
N PRO A 426 18.31 12.63 -16.50
CA PRO A 426 17.79 11.27 -16.70
C PRO A 426 17.45 11.04 -18.18
N THR A 427 17.54 9.82 -18.67
CA THR A 427 17.12 9.52 -20.03
C THR A 427 15.64 9.18 -20.04
N PRO A 428 15.04 9.04 -21.23
CA PRO A 428 13.63 8.60 -21.27
C PRO A 428 13.41 7.21 -20.72
N ALA A 429 14.48 6.45 -20.44
CA ALA A 429 14.31 5.14 -19.83
C ALA A 429 13.91 5.20 -18.36
N VAL A 430 14.04 6.36 -17.71
CA VAL A 430 13.57 6.50 -16.32
C VAL A 430 12.69 7.73 -16.13
N CYS A 431 12.65 8.63 -17.12
CA CYS A 431 11.79 9.81 -17.03
C CYS A 431 10.69 9.78 -18.08
N GLY A 432 10.96 10.30 -19.28
CA GLY A 432 10.02 10.14 -20.37
C GLY A 432 10.14 11.25 -21.38
N LEU A 433 9.16 11.30 -22.29
CA LEU A 433 9.19 12.29 -23.38
C LEU A 433 7.79 12.83 -23.67
N PRO A 434 7.62 14.17 -23.81
CA PRO A 434 8.65 15.18 -23.56
C PRO A 434 9.11 15.17 -22.11
N ALA A 435 10.39 15.47 -21.89
CA ALA A 435 10.98 15.31 -20.56
C ALA A 435 10.23 16.11 -19.50
N GLU A 436 9.85 17.36 -19.82
CA GLU A 436 9.22 18.17 -18.78
C GLU A 436 7.79 17.72 -18.50
N GLU A 437 7.03 17.35 -19.53
CA GLU A 437 5.69 16.83 -19.29
C GLU A 437 5.77 15.53 -18.49
N ALA A 438 6.77 14.70 -18.76
CA ALA A 438 6.94 13.46 -18.00
C ALA A 438 7.34 13.73 -16.56
N ARG A 439 8.27 14.66 -16.35
CA ARG A 439 8.76 14.94 -15.01
C ARG A 439 7.64 15.45 -14.11
N LEU A 440 6.73 16.26 -14.65
CA LEU A 440 5.63 16.78 -13.85
C LEU A 440 4.53 15.75 -13.61
N LEU A 441 4.30 14.85 -14.58
CA LEU A 441 3.36 13.75 -14.33
C LEU A 441 3.89 12.82 -13.24
N ILE A 442 5.20 12.55 -13.25
CA ILE A 442 5.80 11.71 -12.21
C ILE A 442 5.64 12.39 -10.85
N LYS A 443 5.94 13.69 -10.79
CA LYS A 443 5.75 14.47 -9.57
C LYS A 443 4.32 14.36 -9.06
N GLU A 444 3.36 14.38 -9.96
CA GLU A 444 1.95 14.38 -9.58
C GLU A 444 1.46 12.99 -9.21
N ILE A 445 1.89 11.96 -9.93
CA ILE A 445 1.29 10.65 -9.75
C ILE A 445 1.91 9.91 -8.55
N GLU A 446 3.22 10.03 -8.37
CA GLU A 446 3.92 9.23 -7.37
C GLU A 446 3.91 9.95 -6.02
N SER A 447 3.47 9.23 -4.98
CA SER A 447 3.37 9.80 -3.65
C SER A 447 4.64 9.59 -2.82
N PHE A 448 5.59 8.82 -3.32
CA PHE A 448 6.81 8.51 -2.59
C PHE A 448 8.00 9.18 -3.25
N ASP A 449 9.09 9.29 -2.50
CA ASP A 449 10.32 9.88 -3.01
C ASP A 449 11.15 8.76 -3.66
N ARG A 450 11.51 8.94 -4.92
CA ARG A 450 12.42 8.00 -5.58
C ARG A 450 13.81 8.05 -4.95
N GLY A 451 14.20 9.20 -4.41
CA GLY A 451 15.56 9.33 -3.90
C GLY A 451 16.57 9.05 -5.00
N MET A 452 17.48 8.11 -4.75
CA MET A 452 18.48 7.78 -5.74
C MET A 452 18.10 6.57 -6.60
N TYR A 453 16.93 5.96 -6.37
CA TYR A 453 16.40 5.02 -7.36
C TYR A 453 16.23 5.74 -8.70
N ALA A 454 16.70 5.11 -9.78
CA ALA A 454 16.70 5.64 -11.14
C ALA A 454 17.67 6.81 -11.34
N GLY A 455 18.52 7.09 -10.36
CA GLY A 455 19.56 8.09 -10.52
C GLY A 455 20.91 7.45 -10.84
N PRO A 456 21.88 8.26 -11.24
CA PRO A 456 23.22 7.72 -11.51
C PRO A 456 23.82 7.15 -10.23
N ILE A 457 24.48 6.00 -10.36
CA ILE A 457 25.20 5.39 -9.24
C ILE A 457 26.47 4.76 -9.79
N GLY A 458 27.62 5.11 -9.19
CA GLY A 458 28.87 4.64 -9.74
C GLY A 458 30.06 5.34 -9.11
N PHE A 459 30.99 5.80 -9.93
CA PHE A 459 32.20 6.41 -9.40
C PHE A 459 32.81 7.37 -10.41
N PHE A 460 33.50 8.38 -9.90
CA PHE A 460 34.39 9.22 -10.69
C PHE A 460 35.82 8.77 -10.45
N GLY A 461 36.61 8.73 -11.53
CA GLY A 461 38.03 8.51 -11.42
C GLY A 461 38.78 9.41 -12.39
N GLY A 462 40.10 9.45 -12.24
CA GLY A 462 40.91 10.33 -13.08
C GLY A 462 40.76 10.09 -14.56
N GLU A 463 41.11 8.89 -15.01
CA GLU A 463 41.03 8.52 -16.43
C GLU A 463 39.80 7.71 -16.75
N GLU A 464 39.05 7.30 -15.75
CA GLU A 464 37.94 6.38 -15.99
C GLU A 464 36.84 6.69 -15.00
N SER A 465 35.59 6.74 -15.48
CA SER A 465 34.43 6.91 -14.63
C SER A 465 33.32 6.03 -15.18
N GLU A 466 32.41 5.58 -14.33
CA GLU A 466 31.30 4.77 -14.82
C GLU A 466 30.10 4.94 -13.91
N PHE A 467 28.93 5.07 -14.52
CA PHE A 467 27.69 5.25 -13.78
C PHE A 467 26.64 4.31 -14.32
N ALA A 468 26.08 3.51 -13.43
CA ALA A 468 24.88 2.74 -13.72
C ALA A 468 23.67 3.60 -13.47
N VAL A 469 22.53 3.11 -13.95
CA VAL A 469 21.25 3.70 -13.56
C VAL A 469 20.72 2.88 -12.39
N GLY A 470 20.45 3.56 -11.27
CA GLY A 470 20.11 2.90 -10.02
C GLY A 470 18.71 2.32 -9.94
N ILE A 471 18.26 1.63 -10.98
CA ILE A 471 17.03 0.85 -10.91
C ILE A 471 17.38 -0.48 -10.26
N ARG A 472 16.40 -1.39 -10.17
CA ARG A 472 16.61 -2.72 -9.60
C ARG A 472 17.28 -2.63 -8.22
N SER A 473 16.73 -1.77 -7.38
CA SER A 473 17.43 -1.35 -6.18
C SER A 473 16.47 -1.36 -4.99
N ALA A 474 17.05 -1.18 -3.79
CA ALA A 474 16.28 -1.22 -2.56
C ALA A 474 16.97 -0.36 -1.52
N LEU A 475 16.18 0.25 -0.66
CA LEU A 475 16.69 0.99 0.51
C LEU A 475 16.43 0.12 1.73
N VAL A 476 17.50 -0.27 2.42
CA VAL A 476 17.42 -1.28 3.49
C VAL A 476 17.63 -0.55 4.80
N GLU A 477 16.61 -0.51 5.65
CA GLU A 477 16.62 0.34 6.82
C GLU A 477 16.49 -0.48 8.10
N LYS A 478 17.46 -0.30 9.00
CA LYS A 478 17.43 -0.95 10.29
C LYS A 478 16.16 -0.56 11.05
N GLY A 479 15.61 -1.53 11.79
CA GLY A 479 14.42 -1.27 12.57
C GLY A 479 13.18 -1.01 11.75
N LEU A 480 13.16 -1.43 10.49
CA LEU A 480 12.03 -1.17 9.60
C LEU A 480 11.87 -2.32 8.61
N GLY A 481 12.82 -2.44 7.69
CA GLY A 481 12.74 -3.46 6.67
C GLY A 481 13.43 -3.02 5.39
N ALA A 482 12.67 -2.89 4.30
CA ALA A 482 13.28 -2.46 3.05
C ALA A 482 12.23 -1.82 2.17
N LEU A 483 12.68 -0.87 1.35
CA LEU A 483 11.88 -0.28 0.27
C LEU A 483 12.46 -0.77 -1.04
N ILE A 484 11.64 -1.41 -1.86
CA ILE A 484 12.09 -2.07 -3.09
C ILE A 484 11.43 -1.38 -4.27
N TYR A 485 12.22 -0.91 -5.22
CA TYR A 485 11.73 0.00 -6.24
C TYR A 485 11.69 -0.64 -7.62
N ALA A 486 10.66 -0.30 -8.39
CA ALA A 486 10.60 -0.69 -9.80
C ALA A 486 9.70 0.27 -10.54
N GLY A 487 9.84 0.26 -11.86
CA GLY A 487 9.05 1.13 -12.71
C GLY A 487 8.97 0.54 -14.10
N THR A 488 8.03 1.08 -14.89
CA THR A 488 7.86 0.64 -16.27
C THR A 488 7.61 1.87 -17.14
N GLY A 489 7.89 1.72 -18.43
CA GLY A 489 7.59 2.77 -19.38
C GLY A 489 6.17 2.67 -19.87
N ILE A 490 5.38 3.72 -19.65
CA ILE A 490 4.00 3.79 -20.13
C ILE A 490 3.99 4.57 -21.44
N VAL A 491 3.51 3.91 -22.50
CA VAL A 491 3.40 4.51 -23.84
C VAL A 491 2.01 4.18 -24.38
N ALA A 492 1.70 4.73 -25.56
CA ALA A 492 0.41 4.43 -26.19
C ALA A 492 0.20 2.92 -26.24
N GLY A 493 -0.96 2.47 -25.81
CA GLY A 493 -1.25 1.04 -25.87
C GLY A 493 -0.72 0.20 -24.74
N SER A 494 -0.03 0.78 -23.75
CA SER A 494 0.40 0.00 -22.60
C SER A 494 -0.81 -0.53 -21.83
N ASP A 495 -0.70 -1.77 -21.35
CA ASP A 495 -1.79 -2.42 -20.62
C ASP A 495 -1.52 -2.39 -19.12
N PRO A 496 -2.37 -1.76 -18.32
CA PRO A 496 -2.08 -1.65 -16.87
C PRO A 496 -1.82 -2.98 -16.18
N SER A 497 -2.59 -4.02 -16.48
CA SER A 497 -2.35 -5.31 -15.84
C SER A 497 -0.96 -5.85 -16.19
N SER A 498 -0.57 -5.76 -17.47
CA SER A 498 0.75 -6.24 -17.86
C SER A 498 1.86 -5.44 -17.20
N GLU A 499 1.68 -4.13 -17.11
CA GLU A 499 2.70 -3.28 -16.49
C GLU A 499 2.85 -3.57 -15.01
N TRP A 500 1.74 -3.76 -14.30
CA TRP A 500 1.78 -4.15 -12.89
C TRP A 500 2.55 -5.45 -12.70
N ASN A 501 2.23 -6.46 -13.50
CA ASN A 501 2.98 -7.71 -13.50
C ASN A 501 4.46 -7.49 -13.74
N GLU A 502 4.80 -6.55 -14.63
CA GLU A 502 6.20 -6.27 -14.91
C GLU A 502 6.90 -5.69 -13.70
N LEU A 503 6.21 -4.87 -12.91
CA LEU A 503 6.79 -4.36 -11.68
C LEU A 503 7.12 -5.50 -10.73
N ASP A 504 6.20 -6.47 -10.61
CA ASP A 504 6.46 -7.63 -9.76
C ASP A 504 7.65 -8.44 -10.28
N LEU A 505 7.75 -8.64 -11.59
CA LEU A 505 8.91 -9.33 -12.15
C LEU A 505 10.19 -8.60 -11.79
N LYS A 506 10.17 -7.26 -11.86
CA LYS A 506 11.40 -6.49 -11.71
C LYS A 506 11.93 -6.49 -10.28
N ILE A 507 11.05 -6.61 -9.27
CA ILE A 507 11.54 -6.68 -7.89
C ILE A 507 11.74 -8.10 -7.39
N SER A 508 11.45 -9.11 -8.22
CA SER A 508 11.45 -10.47 -7.68
C SER A 508 12.84 -10.96 -7.27
N GLN A 509 13.92 -10.43 -7.83
CA GLN A 509 15.24 -10.81 -7.33
C GLN A 509 15.37 -10.49 -5.85
N PHE A 510 14.71 -9.43 -5.38
CA PHE A 510 14.73 -9.09 -3.96
C PHE A 510 13.71 -9.91 -3.17
N THR A 511 12.46 -9.99 -3.65
CA THR A 511 11.42 -10.65 -2.87
C THR A 511 11.62 -12.16 -2.82
N LYS A 512 12.20 -12.75 -3.87
CA LYS A 512 12.45 -14.20 -3.83
C LYS A 512 13.58 -14.54 -2.87
N SER A 513 14.61 -13.69 -2.79
CA SER A 513 15.78 -14.01 -1.99
C SER A 513 15.59 -13.71 -0.50
N ILE A 514 14.68 -12.78 -0.17
CA ILE A 514 14.35 -12.59 1.24
C ILE A 514 13.39 -13.67 1.72
N GLU A 515 12.77 -14.39 0.78
CA GLU A 515 11.82 -15.47 1.07
C GLU A 515 10.65 -15.00 1.93
N SER B 4 -48.13 -2.57 6.55
CA SER B 4 -47.37 -3.81 6.42
C SER B 4 -47.87 -4.88 7.42
N MET B 5 -47.01 -5.84 7.74
CA MET B 5 -47.31 -6.79 8.81
C MET B 5 -46.00 -7.15 9.49
N ASN B 6 -46.10 -7.44 10.78
CA ASN B 6 -44.94 -7.82 11.60
C ASN B 6 -44.84 -9.34 11.57
N GLY B 7 -43.86 -9.84 10.82
CA GLY B 7 -43.67 -11.27 10.67
C GLY B 7 -43.37 -11.98 11.96
N CYS B 8 -42.93 -11.27 13.01
CA CYS B 8 -42.77 -11.90 14.32
C CYS B 8 -44.09 -12.32 14.93
N ASP B 9 -45.20 -11.72 14.51
CA ASP B 9 -46.52 -12.13 14.95
C ASP B 9 -46.98 -13.42 14.29
N GLY B 10 -46.33 -13.85 13.22
CA GLY B 10 -46.80 -14.99 12.46
C GLY B 10 -46.46 -16.32 13.12
N ASP B 11 -47.06 -17.36 12.59
CA ASP B 11 -46.85 -18.73 13.06
C ASP B 11 -45.62 -19.27 12.35
N PHE B 12 -44.45 -19.07 12.95
CA PHE B 12 -43.21 -19.47 12.29
C PHE B 12 -43.10 -20.98 12.14
N LYS B 13 -43.96 -21.75 12.80
CA LYS B 13 -43.95 -23.20 12.65
C LYS B 13 -44.73 -23.67 11.43
N THR B 14 -45.49 -22.78 10.78
CA THR B 14 -46.24 -23.13 9.57
C THR B 14 -45.61 -22.43 8.37
N PRO B 15 -45.16 -23.16 7.36
CA PRO B 15 -44.57 -22.49 6.18
C PRO B 15 -45.59 -21.63 5.47
N LEU B 16 -45.09 -20.59 4.81
CA LEU B 16 -45.92 -19.81 3.90
C LEU B 16 -46.40 -20.67 2.75
N GLY B 17 -47.52 -20.26 2.15
CA GLY B 17 -48.05 -21.01 1.02
C GLY B 17 -47.08 -21.07 -0.14
N THR B 18 -46.39 -19.97 -0.43
CA THR B 18 -45.39 -19.94 -1.48
C THR B 18 -44.34 -18.88 -1.16
N VAL B 19 -43.12 -19.14 -1.60
CA VAL B 19 -42.05 -18.15 -1.64
C VAL B 19 -41.44 -18.27 -3.04
N GLU B 20 -41.65 -17.26 -3.87
CA GLU B 20 -41.19 -17.39 -5.24
C GLU B 20 -40.75 -16.05 -5.80
N THR B 21 -39.92 -16.13 -6.82
CA THR B 21 -39.46 -14.98 -7.62
C THR B 21 -39.91 -15.18 -9.06
N ARG B 22 -40.46 -14.13 -9.66
CA ARG B 22 -40.82 -14.12 -11.07
C ARG B 22 -40.01 -13.03 -11.76
N THR B 23 -39.32 -13.39 -12.83
CA THR B 23 -38.46 -12.47 -13.56
C THR B 23 -39.11 -12.06 -14.86
N MET B 24 -39.22 -10.76 -15.09
CA MET B 24 -39.81 -10.22 -16.29
C MET B 24 -38.77 -10.10 -17.40
N THR B 25 -39.25 -9.80 -18.60
CA THR B 25 -38.36 -9.52 -19.72
C THR B 25 -37.46 -8.33 -19.40
N ALA B 26 -36.17 -8.45 -19.72
CA ALA B 26 -35.22 -7.38 -19.46
C ALA B 26 -35.57 -6.13 -20.27
N VAL B 27 -35.29 -4.97 -19.70
CA VAL B 27 -35.49 -3.68 -20.36
C VAL B 27 -34.17 -2.93 -20.36
N LEU B 28 -34.16 -1.81 -21.06
CA LEU B 28 -32.92 -1.06 -21.21
C LEU B 28 -32.76 0.05 -20.18
N SER B 29 -33.84 0.53 -19.58
CA SER B 29 -33.78 1.77 -18.81
C SER B 29 -34.57 1.63 -17.53
N PRO B 30 -34.24 2.44 -16.51
CA PRO B 30 -35.06 2.41 -15.30
C PRO B 30 -36.49 2.87 -15.53
N ALA B 31 -36.74 3.79 -16.48
CA ALA B 31 -38.12 4.18 -16.74
C ALA B 31 -38.93 3.02 -17.32
N ALA B 32 -38.34 2.27 -18.25
CA ALA B 32 -39.04 1.11 -18.77
C ALA B 32 -39.27 0.07 -17.68
N ALA B 33 -38.30 -0.07 -16.77
CA ALA B 33 -38.46 -1.05 -15.70
C ALA B 33 -39.59 -0.68 -14.77
N THR B 34 -39.69 0.60 -14.41
CA THR B 34 -40.77 1.05 -13.53
C THR B 34 -42.13 0.77 -14.17
N GLU B 35 -42.30 1.14 -15.44
CA GLU B 35 -43.59 0.92 -16.10
C GLU B 35 -43.91 -0.57 -16.22
N ARG B 36 -42.91 -1.40 -16.55
CA ARG B 36 -43.15 -2.83 -16.68
C ARG B 36 -43.51 -3.45 -15.35
N LEU B 37 -42.90 -2.97 -14.26
CA LEU B 37 -43.18 -3.53 -12.94
C LEU B 37 -44.59 -3.16 -12.48
N ILE B 38 -45.02 -1.93 -12.78
CA ILE B 38 -46.40 -1.55 -12.53
C ILE B 38 -47.35 -2.52 -13.23
N SER B 39 -47.05 -2.84 -14.49
CA SER B 39 -47.93 -3.75 -15.24
C SER B 39 -47.87 -5.17 -14.70
N ALA B 40 -46.71 -5.60 -14.21
CA ALA B 40 -46.58 -6.95 -13.66
C ALA B 40 -47.35 -7.09 -12.35
N VAL B 41 -47.36 -6.04 -11.52
CA VAL B 41 -48.17 -6.08 -10.31
C VAL B 41 -49.65 -6.13 -10.67
N SER B 42 -50.05 -5.37 -11.68
CA SER B 42 -51.44 -5.41 -12.14
C SER B 42 -51.80 -6.80 -12.69
N GLU B 43 -50.88 -7.45 -13.40
CA GLU B 43 -51.16 -8.80 -13.89
C GLU B 43 -51.32 -9.77 -12.73
N LEU B 44 -50.47 -9.65 -11.70
CA LEU B 44 -50.59 -10.53 -10.53
C LEU B 44 -51.92 -10.34 -9.83
N LYS B 45 -52.36 -9.08 -9.73
CA LYS B 45 -53.66 -8.78 -9.12
C LYS B 45 -54.78 -9.47 -9.88
N SER B 46 -54.68 -9.50 -11.21
CA SER B 46 -55.72 -10.11 -12.06
C SER B 46 -55.67 -11.64 -12.04
N GLN B 47 -54.52 -12.24 -11.72
CA GLN B 47 -54.34 -13.69 -11.67
C GLN B 47 -53.62 -14.05 -10.37
N PRO B 48 -54.28 -13.89 -9.23
CA PRO B 48 -53.56 -13.94 -7.96
C PRO B 48 -53.14 -15.35 -7.60
N PRO B 49 -51.99 -15.52 -6.95
CA PRO B 49 -51.62 -16.85 -6.44
C PRO B 49 -52.67 -17.35 -5.45
N SER B 50 -52.89 -18.66 -5.48
CA SER B 50 -54.05 -19.16 -4.74
C SER B 50 -53.88 -19.09 -3.22
N PHE B 51 -52.66 -18.96 -2.71
CA PHE B 51 -52.34 -19.25 -1.31
C PHE B 51 -52.90 -18.22 -0.33
N SER B 52 -53.10 -18.65 0.91
CA SER B 52 -53.56 -17.75 1.97
C SER B 52 -52.43 -17.00 2.66
N SER B 53 -51.18 -17.34 2.34
CA SER B 53 -50.01 -16.61 2.81
C SER B 53 -48.90 -16.86 1.81
N GLY B 54 -47.96 -15.93 1.70
CA GLY B 54 -46.88 -16.14 0.75
C GLY B 54 -46.02 -14.91 0.56
N VAL B 55 -44.99 -15.09 -0.26
CA VAL B 55 -44.15 -14.00 -0.74
C VAL B 55 -43.90 -14.23 -2.22
N VAL B 56 -44.22 -13.23 -3.03
CA VAL B 56 -43.91 -13.27 -4.46
C VAL B 56 -43.11 -12.02 -4.77
N ARG B 57 -41.88 -12.22 -5.26
CA ARG B 57 -41.02 -11.14 -5.72
C ARG B 57 -41.11 -11.08 -7.24
N LEU B 58 -41.43 -9.90 -7.76
CA LEU B 58 -41.45 -9.62 -9.19
C LEU B 58 -40.25 -8.73 -9.51
N GLN B 59 -39.42 -9.13 -10.47
CA GLN B 59 -38.22 -8.35 -10.76
C GLN B 59 -38.04 -8.11 -12.26
N VAL B 60 -37.64 -6.89 -12.60
CA VAL B 60 -37.35 -6.50 -13.98
C VAL B 60 -35.87 -6.22 -14.14
N PRO B 61 -35.15 -7.03 -14.91
CA PRO B 61 -33.73 -6.74 -15.17
C PRO B 61 -33.59 -5.49 -16.00
N ILE B 62 -32.56 -4.70 -15.70
CA ILE B 62 -32.20 -3.49 -16.44
C ILE B 62 -30.82 -3.69 -17.02
N ASP B 63 -30.68 -3.48 -18.32
CA ASP B 63 -29.47 -3.87 -19.04
C ASP B 63 -28.28 -2.95 -18.80
N GLN B 64 -28.40 -1.92 -17.98
CA GLN B 64 -27.29 -1.02 -17.72
C GLN B 64 -27.01 -0.96 -16.23
N GLN B 65 -25.75 -0.70 -15.88
CA GLN B 65 -25.38 -0.60 -14.47
C GLN B 65 -25.79 0.78 -13.96
N ILE B 66 -26.60 0.79 -12.91
CA ILE B 66 -27.16 2.00 -12.31
C ILE B 66 -26.94 1.90 -10.82
N GLY B 67 -26.47 2.99 -10.20
CA GLY B 67 -26.18 2.95 -8.78
C GLY B 67 -27.46 2.94 -7.95
N ALA B 68 -27.54 1.98 -7.02
CA ALA B 68 -28.74 1.88 -6.20
C ALA B 68 -28.90 3.09 -5.30
N ILE B 69 -27.79 3.68 -4.83
CA ILE B 69 -27.94 4.86 -3.98
C ILE B 69 -28.48 6.03 -4.80
N ASP B 70 -28.23 6.04 -6.10
CA ASP B 70 -28.80 7.09 -6.94
C ASP B 70 -30.30 6.88 -7.15
N TRP B 71 -30.71 5.63 -7.32
CA TRP B 71 -32.13 5.34 -7.32
C TRP B 71 -32.78 5.78 -6.02
N LEU B 72 -32.15 5.43 -4.88
CA LEU B 72 -32.77 5.77 -3.60
C LEU B 72 -32.92 7.28 -3.45
N GLN B 73 -31.90 8.04 -3.88
CA GLN B 73 -31.95 9.50 -3.78
C GLN B 73 -33.10 10.08 -4.57
N ALA B 74 -33.57 9.41 -5.62
CA ALA B 74 -34.67 9.92 -6.41
C ALA B 74 -36.04 9.63 -5.80
N GLN B 75 -36.13 8.74 -4.81
CA GLN B 75 -37.40 8.37 -4.22
C GLN B 75 -37.80 9.35 -3.12
N ASN B 76 -39.09 9.48 -2.88
CA ASN B 76 -39.50 10.33 -1.79
C ASN B 76 -39.52 9.49 -0.52
N GLU B 77 -40.06 10.03 0.58
CA GLU B 77 -39.88 9.40 1.88
C GLU B 77 -40.96 8.35 2.08
N ILE B 78 -40.72 7.19 1.49
CA ILE B 78 -41.55 6.00 1.66
C ILE B 78 -40.76 5.06 2.56
N GLN B 79 -41.22 4.90 3.79
CA GLN B 79 -40.42 4.23 4.80
C GLN B 79 -40.99 2.85 5.15
N PRO B 80 -40.14 1.93 5.65
CA PRO B 80 -38.71 2.12 5.93
C PRO B 80 -37.85 2.32 4.69
N ARG B 81 -36.74 3.05 4.85
CA ARG B 81 -35.72 3.15 3.82
C ARG B 81 -34.53 2.31 4.24
N CYS B 82 -34.05 1.48 3.34
CA CYS B 82 -32.87 0.71 3.64
C CYS B 82 -31.90 0.77 2.47
N PHE B 83 -30.62 0.64 2.80
CA PHE B 83 -29.55 0.57 1.82
C PHE B 83 -28.48 -0.37 2.36
N PHE B 84 -27.88 -1.14 1.47
CA PHE B 84 -26.75 -1.98 1.88
C PHE B 84 -25.82 -2.17 0.69
N SER B 85 -24.52 -2.07 0.95
CA SER B 85 -23.52 -2.31 -0.09
C SER B 85 -22.35 -3.04 0.56
N ARG B 86 -22.08 -4.26 0.12
CA ARG B 86 -21.03 -5.04 0.78
C ARG B 86 -19.65 -4.53 0.40
N ARG B 87 -18.63 -5.06 1.08
CA ARG B 87 -17.25 -4.62 0.86
C ARG B 87 -16.70 -5.10 -0.48
N SER B 88 -15.82 -4.30 -1.07
CA SER B 88 -15.06 -4.74 -2.24
C SER B 88 -14.20 -5.95 -1.93
N ASP B 89 -13.62 -6.02 -0.73
CA ASP B 89 -12.68 -7.08 -0.33
C ASP B 89 -11.47 -7.12 -1.26
N VAL B 90 -10.92 -5.93 -1.56
CA VAL B 90 -10.00 -5.76 -2.69
C VAL B 90 -8.76 -6.64 -2.52
N GLY B 91 -7.95 -6.37 -1.50
CA GLY B 91 -6.71 -7.12 -1.35
C GLY B 91 -6.94 -8.54 -0.88
N ARG B 92 -7.76 -8.71 0.16
CA ARG B 92 -7.76 -9.91 0.97
C ARG B 92 -8.25 -11.15 0.22
N PRO B 93 -7.87 -12.33 0.69
CA PRO B 93 -8.39 -13.58 0.10
C PRO B 93 -9.79 -13.91 0.58
N ASP B 94 -10.48 -14.71 -0.24
CA ASP B 94 -11.79 -15.25 0.12
C ASP B 94 -11.56 -16.60 0.79
N LEU B 95 -11.66 -16.62 2.12
CA LEU B 95 -11.42 -17.86 2.85
C LEU B 95 -12.45 -18.93 2.49
N LEU B 96 -13.67 -18.52 2.17
CA LEU B 96 -14.69 -19.48 1.75
C LEU B 96 -14.37 -20.10 0.40
N LEU B 97 -13.36 -19.56 -0.29
CA LEU B 97 -12.78 -20.10 -1.52
C LEU B 97 -13.68 -19.85 -2.71
N ASN B 117 -22.25 -10.96 -6.53
CA ASN B 117 -22.39 -10.06 -7.66
C ASN B 117 -23.30 -8.87 -7.34
N LEU B 118 -23.94 -8.86 -6.16
CA LEU B 118 -24.75 -7.72 -5.77
C LEU B 118 -23.84 -6.61 -5.24
N VAL B 119 -23.75 -5.50 -5.97
CA VAL B 119 -22.86 -4.42 -5.55
C VAL B 119 -23.52 -3.55 -4.49
N SER B 120 -24.80 -3.25 -4.65
CA SER B 120 -25.53 -2.47 -3.66
C SER B 120 -27.02 -2.68 -3.88
N VAL B 121 -27.81 -2.40 -2.84
CA VAL B 121 -29.26 -2.55 -2.92
C VAL B 121 -29.89 -1.44 -2.10
N ALA B 122 -30.97 -0.87 -2.64
CA ALA B 122 -31.76 0.13 -1.94
C ALA B 122 -33.20 -0.36 -1.87
N GLY B 123 -33.89 -0.04 -0.80
CA GLY B 123 -35.29 -0.42 -0.67
C GLY B 123 -36.12 0.67 -0.01
N ILE B 124 -37.39 0.75 -0.43
CA ILE B 124 -38.36 1.63 0.20
C ILE B 124 -39.59 0.83 0.57
N GLY B 125 -40.26 1.26 1.64
CA GLY B 125 -41.46 0.59 2.10
C GLY B 125 -41.14 -0.79 2.64
N SER B 126 -42.17 -1.48 3.12
CA SER B 126 -41.99 -2.80 3.72
C SER B 126 -43.04 -3.75 3.19
N ALA B 127 -42.60 -4.86 2.58
CA ALA B 127 -43.52 -5.97 2.32
C ALA B 127 -43.84 -6.70 3.62
N VAL B 128 -42.85 -6.86 4.48
CA VAL B 128 -43.01 -7.44 5.80
C VAL B 128 -41.85 -6.95 6.64
N PHE B 129 -42.12 -6.66 7.91
CA PHE B 129 -41.05 -6.26 8.81
C PHE B 129 -41.07 -7.16 10.04
N PHE B 130 -40.00 -7.04 10.83
CA PHE B 130 -39.77 -7.88 12.00
C PHE B 130 -39.19 -6.99 13.08
N ARG B 131 -39.88 -6.85 14.20
CA ARG B 131 -39.48 -5.95 15.27
C ARG B 131 -40.05 -6.45 16.59
N ASP B 132 -39.28 -6.27 17.66
CA ASP B 132 -39.75 -6.57 19.00
C ASP B 132 -38.93 -5.72 19.97
N LEU B 133 -39.47 -5.56 21.18
CA LEU B 133 -38.73 -4.90 22.25
C LEU B 133 -37.85 -5.87 23.03
N ASP B 134 -38.13 -7.17 22.94
CA ASP B 134 -37.29 -8.19 23.56
C ASP B 134 -36.15 -8.56 22.62
N PRO B 135 -35.03 -9.05 23.16
CA PRO B 135 -33.88 -9.37 22.31
C PRO B 135 -34.23 -10.37 21.21
N PHE B 136 -33.62 -10.15 20.05
CA PHE B 136 -33.69 -11.08 18.93
C PHE B 136 -33.39 -12.49 19.41
N SER B 137 -34.27 -13.42 19.06
CA SER B 137 -34.22 -14.78 19.58
C SER B 137 -34.26 -15.77 18.42
N HIS B 138 -34.00 -17.03 18.76
CA HIS B 138 -34.10 -18.08 17.74
C HIS B 138 -35.46 -18.09 17.07
N ASP B 139 -36.52 -17.87 17.86
CA ASP B 139 -37.87 -17.81 17.29
C ASP B 139 -38.00 -16.67 16.29
N ASP B 140 -37.44 -15.50 16.60
CA ASP B 140 -37.50 -14.39 15.65
C ASP B 140 -36.74 -14.72 14.37
N TRP B 141 -35.60 -15.40 14.51
CA TRP B 141 -34.86 -15.84 13.34
C TRP B 141 -35.70 -16.80 12.50
N ARG B 142 -36.38 -17.75 13.14
CA ARG B 142 -37.30 -18.61 12.40
C ARG B 142 -38.40 -17.79 11.72
N SER B 143 -38.89 -16.76 12.41
CA SER B 143 -39.94 -15.93 11.81
C SER B 143 -39.47 -15.30 10.50
N ILE B 144 -38.20 -14.88 10.45
CA ILE B 144 -37.66 -14.29 9.23
C ILE B 144 -37.41 -15.37 8.18
N ARG B 145 -36.83 -16.51 8.59
CA ARG B 145 -36.54 -17.60 7.67
C ARG B 145 -37.78 -18.09 6.95
N ARG B 146 -38.94 -17.94 7.58
CA ARG B 146 -40.22 -18.33 6.97
C ARG B 146 -40.48 -17.57 5.67
N PHE B 147 -39.90 -16.38 5.52
CA PHE B 147 -40.14 -15.57 4.33
C PHE B 147 -39.01 -15.69 3.30
N LEU B 148 -38.03 -16.54 3.53
CA LEU B 148 -36.86 -16.66 2.68
C LEU B 148 -36.86 -18.03 1.99
N SER B 149 -36.04 -18.15 0.94
CA SER B 149 -35.91 -19.42 0.24
C SER B 149 -34.59 -19.48 -0.50
N SER B 150 -33.96 -20.67 -0.51
CA SER B 150 -32.73 -20.84 -1.28
C SER B 150 -32.98 -20.72 -2.78
N THR B 151 -34.19 -20.98 -3.25
CA THR B 151 -34.50 -20.82 -4.66
C THR B 151 -34.93 -19.40 -5.03
N SER B 152 -34.98 -18.49 -4.05
CA SER B 152 -35.23 -17.07 -4.30
C SER B 152 -34.11 -16.29 -3.63
N PRO B 153 -32.90 -16.33 -4.19
CA PRO B 153 -31.72 -15.84 -3.45
C PRO B 153 -31.75 -14.34 -3.18
N LEU B 154 -32.53 -13.55 -3.91
CA LEU B 154 -32.56 -12.12 -3.70
C LEU B 154 -33.69 -11.66 -2.78
N ILE B 155 -34.56 -12.55 -2.33
CA ILE B 155 -35.55 -12.19 -1.32
C ILE B 155 -34.81 -12.10 0.00
N ARG B 156 -34.65 -10.89 0.50
CA ARG B 156 -33.76 -10.64 1.63
C ARG B 156 -34.39 -9.65 2.59
N ALA B 157 -34.08 -9.84 3.88
CA ALA B 157 -34.60 -9.01 4.95
C ALA B 157 -33.45 -8.18 5.49
N TYR B 158 -33.56 -6.86 5.40
CA TYR B 158 -32.49 -5.93 5.75
C TYR B 158 -32.73 -5.33 7.11
N GLY B 159 -31.67 -5.20 7.91
CA GLY B 159 -31.83 -4.52 9.18
C GLY B 159 -30.71 -4.87 10.13
N GLY B 160 -31.02 -4.74 11.42
CA GLY B 160 -29.97 -4.89 12.40
C GLY B 160 -30.52 -5.11 13.78
N MET B 161 -29.61 -5.23 14.75
CA MET B 161 -29.94 -5.46 16.14
C MET B 161 -29.13 -4.51 17.01
N ARG B 162 -29.67 -4.20 18.19
CA ARG B 162 -28.97 -3.36 19.16
C ARG B 162 -27.66 -3.98 19.60
N PHE B 163 -26.68 -3.12 19.88
CA PHE B 163 -25.47 -3.58 20.57
C PHE B 163 -25.85 -4.33 21.85
N ASP B 164 -26.67 -3.72 22.69
CA ASP B 164 -27.14 -4.34 23.92
C ASP B 164 -28.65 -4.34 23.91
N PRO B 165 -29.29 -5.45 23.52
CA PRO B 165 -30.76 -5.49 23.44
C PRO B 165 -31.44 -5.44 24.80
N ASN B 166 -30.70 -5.55 25.91
CA ASN B 166 -31.29 -5.42 27.23
C ASN B 166 -31.05 -4.05 27.85
N GLY B 167 -30.37 -3.15 27.17
CA GLY B 167 -30.15 -1.83 27.72
C GLY B 167 -31.38 -0.96 27.60
N LYS B 168 -31.43 0.08 28.43
CA LYS B 168 -32.52 1.03 28.33
C LYS B 168 -32.44 1.73 26.99
N ILE B 169 -33.56 1.75 26.26
CA ILE B 169 -33.62 2.34 24.93
C ILE B 169 -33.94 3.84 25.06
N ALA B 170 -33.01 4.67 24.60
CA ALA B 170 -33.24 6.11 24.60
C ALA B 170 -34.27 6.49 23.51
N VAL B 171 -34.83 7.70 23.65
CA VAL B 171 -35.95 8.07 22.78
C VAL B 171 -35.52 8.05 21.32
N GLU B 172 -34.29 8.50 21.02
CA GLU B 172 -33.87 8.57 19.63
C GLU B 172 -33.76 7.18 19.00
N TRP B 173 -33.55 6.14 19.80
CA TRP B 173 -33.47 4.78 19.29
C TRP B 173 -34.78 4.02 19.43
N GLU B 174 -35.80 4.64 20.00
CA GLU B 174 -37.07 3.95 20.25
C GLU B 174 -37.64 3.24 19.01
N PRO B 175 -37.69 3.86 17.83
CA PRO B 175 -38.34 3.18 16.69
C PRO B 175 -37.65 1.91 16.24
N PHE B 176 -36.38 1.71 16.60
CA PHE B 176 -35.65 0.53 16.16
C PHE B 176 -35.95 -0.69 17.04
N GLY B 177 -36.50 -0.48 18.23
CA GLY B 177 -36.70 -1.60 19.15
C GLY B 177 -35.40 -2.34 19.47
N ALA B 178 -35.55 -3.59 19.89
CA ALA B 178 -34.38 -4.42 20.12
C ALA B 178 -33.77 -4.87 18.80
N PHE B 179 -34.57 -4.96 17.74
CA PHE B 179 -34.09 -5.30 16.42
C PHE B 179 -35.13 -4.86 15.41
N TYR B 180 -34.68 -4.61 14.18
CA TYR B 180 -35.59 -4.19 13.13
C TYR B 180 -35.09 -4.75 11.80
N PHE B 181 -35.95 -5.52 11.12
CA PHE B 181 -35.64 -6.06 9.80
C PHE B 181 -36.84 -5.85 8.90
N SER B 182 -36.58 -5.66 7.61
CA SER B 182 -37.68 -5.44 6.68
C SER B 182 -37.29 -5.96 5.30
N VAL B 183 -38.24 -6.64 4.66
CA VAL B 183 -38.18 -6.95 3.24
C VAL B 183 -38.78 -5.76 2.49
N PRO B 184 -38.05 -5.12 1.58
CA PRO B 184 -38.58 -3.89 0.96
C PRO B 184 -39.85 -4.16 0.15
N GLN B 185 -40.71 -3.14 0.10
CA GLN B 185 -41.84 -3.16 -0.82
C GLN B 185 -41.36 -3.06 -2.26
N VAL B 186 -40.46 -2.11 -2.53
CA VAL B 186 -39.84 -1.91 -3.84
C VAL B 186 -38.35 -1.77 -3.60
N GLU B 187 -37.54 -2.36 -4.47
CA GLU B 187 -36.10 -2.27 -4.24
C GLU B 187 -35.38 -2.21 -5.57
N PHE B 188 -34.15 -1.72 -5.51
CA PHE B 188 -33.30 -1.57 -6.68
C PHE B 188 -32.00 -2.31 -6.42
N ASN B 189 -31.61 -3.16 -7.35
CA ASN B 189 -30.41 -3.99 -7.24
C ASN B 189 -29.38 -3.54 -8.25
N GLU B 190 -28.16 -3.26 -7.79
CA GLU B 190 -27.05 -2.90 -8.65
C GLU B 190 -26.09 -4.07 -8.73
N PHE B 191 -25.90 -4.62 -9.92
CA PHE B 191 -24.92 -5.66 -10.16
C PHE B 191 -23.72 -5.08 -10.91
N GLY B 192 -22.75 -5.94 -11.18
CA GLY B 192 -21.70 -5.58 -12.11
C GLY B 192 -22.22 -5.64 -13.54
N GLY B 193 -22.35 -4.48 -14.17
CA GLY B 193 -22.75 -4.42 -15.57
C GLY B 193 -24.24 -4.40 -15.82
N SER B 194 -25.08 -4.45 -14.79
CA SER B 194 -26.52 -4.40 -14.99
C SER B 194 -27.20 -4.14 -13.66
N SER B 195 -28.53 -3.96 -13.73
CA SER B 195 -29.31 -3.61 -12.55
C SER B 195 -30.64 -4.33 -12.61
N MET B 196 -31.48 -4.02 -11.62
CA MET B 196 -32.76 -4.68 -11.50
C MET B 196 -33.67 -3.85 -10.60
N LEU B 197 -34.92 -3.71 -11.02
CA LEU B 197 -35.97 -3.11 -10.19
C LEU B 197 -36.92 -4.22 -9.79
N ALA B 198 -37.22 -4.31 -8.49
CA ALA B 198 -38.06 -5.40 -8.01
C ALA B 198 -39.09 -4.87 -7.02
N ALA B 199 -40.16 -5.63 -6.87
CA ALA B 199 -41.17 -5.35 -5.86
C ALA B 199 -41.59 -6.68 -5.25
N THR B 200 -41.90 -6.66 -3.96
CA THR B 200 -42.17 -7.89 -3.22
C THR B 200 -43.53 -7.80 -2.55
N ILE B 201 -44.36 -8.82 -2.81
CA ILE B 201 -45.72 -8.91 -2.30
C ILE B 201 -45.70 -10.00 -1.24
N ALA B 202 -45.88 -9.62 0.03
CA ALA B 202 -45.94 -10.58 1.12
C ALA B 202 -47.30 -10.48 1.80
N TRP B 203 -47.87 -11.62 2.19
CA TRP B 203 -49.18 -11.58 2.83
C TRP B 203 -49.35 -12.80 3.73
N ASP B 204 -50.26 -12.66 4.69
CA ASP B 204 -50.61 -13.74 5.60
C ASP B 204 -52.00 -13.42 6.13
N ASP B 205 -53.01 -14.14 5.64
CA ASP B 205 -54.38 -13.91 6.09
C ASP B 205 -54.52 -14.03 7.59
N GLU B 206 -53.70 -14.86 8.24
CA GLU B 206 -53.76 -14.99 9.69
C GLU B 206 -53.31 -13.72 10.43
N LEU B 207 -52.48 -12.89 9.81
CA LEU B 207 -52.08 -11.62 10.38
C LEU B 207 -52.93 -10.46 9.85
N SER B 208 -54.07 -10.78 9.25
CA SER B 208 -55.00 -9.79 8.70
C SER B 208 -54.33 -8.84 7.71
N TRP B 209 -53.32 -9.35 6.99
CA TRP B 209 -52.68 -8.63 5.89
C TRP B 209 -52.85 -9.53 4.67
N THR B 210 -53.92 -9.31 3.93
CA THR B 210 -54.27 -10.19 2.83
C THR B 210 -53.47 -9.85 1.59
N LEU B 211 -53.49 -10.78 0.63
CA LEU B 211 -52.93 -10.52 -0.69
C LEU B 211 -53.51 -9.25 -1.30
N GLU B 212 -54.84 -9.07 -1.21
CA GLU B 212 -55.45 -7.85 -1.70
C GLU B 212 -54.92 -6.62 -0.98
N ASN B 213 -54.79 -6.68 0.35
CA ASN B 213 -54.19 -5.58 1.11
C ASN B 213 -52.80 -5.25 0.58
N ALA B 214 -51.97 -6.29 0.41
CA ALA B 214 -50.57 -6.08 0.02
C ALA B 214 -50.48 -5.46 -1.36
N ILE B 215 -51.27 -5.96 -2.30
CA ILE B 215 -51.22 -5.45 -3.66
C ILE B 215 -51.68 -4.00 -3.69
N GLU B 216 -52.75 -3.68 -2.95
CA GLU B 216 -53.25 -2.31 -2.91
C GLU B 216 -52.20 -1.35 -2.40
N ALA B 217 -51.53 -1.71 -1.31
CA ALA B 217 -50.45 -0.86 -0.78
C ALA B 217 -49.31 -0.75 -1.79
N LEU B 218 -48.96 -1.85 -2.44
CA LEU B 218 -47.84 -1.83 -3.38
C LEU B 218 -48.18 -1.00 -4.61
N GLN B 219 -49.41 -1.08 -5.11
CA GLN B 219 -49.76 -0.29 -6.28
C GLN B 219 -49.68 1.20 -5.97
N GLU B 220 -50.04 1.60 -4.75
CA GLU B 220 -49.93 3.00 -4.39
C GLU B 220 -48.47 3.45 -4.39
N THR B 221 -47.60 2.64 -3.81
CA THR B 221 -46.17 2.96 -3.80
C THR B 221 -45.61 2.97 -5.22
N MET B 222 -46.02 1.99 -6.04
CA MET B 222 -45.43 1.87 -7.37
C MET B 222 -45.69 3.11 -8.23
N LEU B 223 -46.87 3.71 -8.09
CA LEU B 223 -47.17 4.93 -8.87
C LEU B 223 -46.35 6.13 -8.40
N GLN B 224 -45.76 6.05 -7.22
CA GLN B 224 -44.91 7.12 -6.71
C GLN B 224 -43.44 6.95 -7.07
N VAL B 225 -43.04 5.74 -7.47
CA VAL B 225 -41.63 5.45 -7.73
C VAL B 225 -41.10 6.33 -8.85
N SER B 226 -39.96 6.98 -8.62
CA SER B 226 -39.30 7.80 -9.61
C SER B 226 -38.33 6.99 -10.46
N SER B 227 -38.33 7.27 -11.75
CA SER B 227 -37.32 6.79 -12.67
C SER B 227 -36.29 7.84 -13.06
N VAL B 228 -36.37 9.05 -12.48
CA VAL B 228 -35.40 10.09 -12.82
C VAL B 228 -34.18 9.84 -11.96
N VAL B 229 -33.37 8.85 -12.35
CA VAL B 229 -32.26 8.37 -11.52
C VAL B 229 -31.04 9.18 -11.93
N MET B 230 -30.90 10.36 -11.31
CA MET B 230 -29.77 11.23 -11.57
C MET B 230 -28.52 10.69 -10.89
N LYS B 231 -27.39 10.82 -11.56
CA LYS B 231 -26.09 10.51 -10.95
C LYS B 231 -25.63 11.76 -10.21
N LEU B 232 -26.00 11.85 -8.93
CA LEU B 232 -25.60 13.00 -8.13
C LEU B 232 -24.16 12.82 -7.67
N ARG B 233 -23.37 13.88 -7.83
CA ARG B 233 -21.99 13.89 -7.41
C ARG B 233 -21.67 15.12 -6.58
N ASN B 234 -22.66 15.98 -6.32
CA ASN B 234 -22.44 17.22 -5.58
C ASN B 234 -21.99 16.91 -4.15
N ARG B 235 -20.82 17.42 -3.79
CA ARG B 235 -20.25 17.17 -2.48
C ARG B 235 -20.75 18.12 -1.40
N SER B 236 -21.36 19.23 -1.78
CA SER B 236 -21.91 20.16 -0.79
C SER B 236 -23.26 19.64 -0.30
N LEU B 237 -23.42 19.59 1.02
CA LEU B 237 -24.66 19.15 1.63
C LEU B 237 -25.60 20.30 1.97
N GLY B 238 -25.12 21.54 1.90
CA GLY B 238 -26.00 22.68 2.10
C GLY B 238 -26.45 22.91 3.53
N VAL B 239 -25.76 22.34 4.52
CA VAL B 239 -26.10 22.54 5.90
C VAL B 239 -24.95 23.25 6.59
N SER B 240 -25.27 23.96 7.66
CA SER B 240 -24.28 24.60 8.50
C SER B 240 -24.32 23.96 9.88
N VAL B 241 -23.15 23.60 10.40
CA VAL B 241 -23.05 23.05 11.74
C VAL B 241 -23.07 24.19 12.74
N LEU B 242 -24.06 24.19 13.63
CA LEU B 242 -24.20 25.26 14.61
C LEU B 242 -23.50 24.96 15.92
N SER B 243 -23.38 23.68 16.29
CA SER B 243 -22.62 23.29 17.45
C SER B 243 -22.21 21.84 17.33
N LYS B 244 -21.13 21.49 18.01
CA LYS B 244 -20.67 20.12 18.16
C LYS B 244 -20.30 19.90 19.61
N ASN B 245 -20.88 18.87 20.23
CA ASN B 245 -20.64 18.53 21.63
C ASN B 245 -20.52 17.03 21.74
N HIS B 246 -19.68 16.57 22.66
CA HIS B 246 -19.44 15.14 22.84
C HIS B 246 -20.08 14.63 24.12
N VAL B 247 -20.53 13.37 24.08
CA VAL B 247 -20.93 12.66 25.29
C VAL B 247 -20.16 11.34 25.26
N PRO B 248 -19.21 11.10 26.17
CA PRO B 248 -18.78 12.01 27.23
C PRO B 248 -17.99 13.20 26.70
N THR B 249 -17.99 14.29 27.45
CA THR B 249 -17.07 15.36 27.17
C THR B 249 -15.63 14.90 27.41
N LYS B 250 -14.69 15.63 26.81
CA LYS B 250 -13.28 15.33 26.99
C LYS B 250 -12.90 15.29 28.47
N GLY B 251 -13.48 16.19 29.27
CA GLY B 251 -13.16 16.23 30.68
C GLY B 251 -13.71 15.06 31.47
N ALA B 252 -14.82 14.47 31.01
CA ALA B 252 -15.37 13.27 31.62
C ALA B 252 -14.74 12.00 31.04
N TYR B 253 -14.25 12.06 29.81
CA TYR B 253 -13.68 10.89 29.14
C TYR B 253 -12.36 10.48 29.79
N PHE B 254 -11.50 11.44 30.08
CA PHE B 254 -10.20 11.09 30.64
C PHE B 254 -10.30 10.33 31.96
N PRO B 255 -11.14 10.73 32.93
CA PRO B 255 -11.28 9.91 34.13
C PRO B 255 -11.96 8.57 33.87
N ALA B 256 -12.84 8.47 32.88
CA ALA B 256 -13.44 7.19 32.55
C ALA B 256 -12.39 6.20 32.08
N VAL B 257 -11.47 6.65 31.21
CA VAL B 257 -10.41 5.78 30.73
C VAL B 257 -9.47 5.42 31.88
N GLU B 258 -9.15 6.39 32.74
CA GLU B 258 -8.27 6.10 33.88
C GLU B 258 -8.94 5.12 34.84
N LYS B 259 -10.26 5.16 34.97
CA LYS B 259 -10.95 4.16 35.78
C LYS B 259 -10.80 2.77 35.20
N ALA B 260 -10.98 2.65 33.88
CA ALA B 260 -10.81 1.35 33.22
C ALA B 260 -9.38 0.86 33.34
N LEU B 261 -8.41 1.76 33.20
CA LEU B 261 -7.01 1.37 33.33
C LEU B 261 -6.70 0.87 34.73
N GLU B 262 -7.32 1.45 35.75
CA GLU B 262 -7.06 1.01 37.11
C GLU B 262 -7.67 -0.37 37.36
N MET B 263 -8.87 -0.62 36.81
CA MET B 263 -9.46 -1.94 36.92
C MET B 263 -8.59 -2.99 36.24
N ILE B 264 -8.02 -2.65 35.09
CA ILE B 264 -7.16 -3.58 34.37
C ILE B 264 -5.89 -3.87 35.16
N ASN B 265 -5.23 -2.84 35.65
CA ASN B 265 -3.90 -3.06 36.20
C ASN B 265 -3.90 -3.49 37.66
N GLN B 266 -4.99 -3.30 38.39
CA GLN B 266 -5.08 -3.80 39.76
C GLN B 266 -5.77 -5.16 39.77
N LYS B 267 -5.73 -5.81 40.94
CA LYS B 267 -6.06 -7.23 41.03
C LYS B 267 -7.45 -7.49 41.60
N SER B 268 -8.28 -6.46 41.78
CA SER B 268 -9.66 -6.73 42.17
C SER B 268 -10.52 -7.08 40.96
N SER B 269 -10.27 -6.44 39.83
CA SER B 269 -11.05 -6.66 38.63
C SER B 269 -10.27 -7.50 37.64
N PRO B 270 -10.92 -8.45 36.95
CA PRO B 270 -10.24 -9.24 35.91
C PRO B 270 -10.20 -8.58 34.55
N LEU B 271 -10.68 -7.34 34.44
CA LEU B 271 -10.78 -6.68 33.14
C LEU B 271 -9.46 -6.71 32.39
N ASN B 272 -9.51 -7.05 31.10
CA ASN B 272 -8.35 -6.92 30.23
C ASN B 272 -8.60 -6.02 29.04
N ARG B 273 -9.86 -5.80 28.65
CA ARG B 273 -10.16 -5.01 27.47
C ARG B 273 -11.59 -4.49 27.60
N VAL B 274 -11.80 -3.20 27.36
CA VAL B 274 -13.15 -2.67 27.26
C VAL B 274 -13.17 -1.63 26.15
N VAL B 275 -14.22 -1.68 25.33
CA VAL B 275 -14.45 -0.69 24.28
C VAL B 275 -15.32 0.41 24.86
N LEU B 276 -14.79 1.63 24.92
CA LEU B 276 -15.52 2.79 25.44
C LEU B 276 -15.81 3.75 24.29
N ALA B 277 -17.06 4.17 24.18
CA ALA B 277 -17.55 4.90 23.02
C ALA B 277 -17.97 6.31 23.40
N ARG B 278 -18.21 7.11 22.35
CA ARG B 278 -18.51 8.53 22.47
C ARG B 278 -19.52 8.89 21.38
N ASN B 279 -20.53 9.67 21.76
CA ASN B 279 -21.57 10.19 20.89
C ASN B 279 -21.22 11.66 20.63
N SER B 280 -20.85 11.99 19.39
CA SER B 280 -20.56 13.37 19.00
C SER B 280 -21.82 13.96 18.38
N ARG B 281 -22.42 14.93 19.06
CA ARG B 281 -23.69 15.50 18.64
C ARG B 281 -23.45 16.75 17.82
N ILE B 282 -24.00 16.80 16.61
CA ILE B 282 -23.89 18.01 15.78
C ILE B 282 -25.28 18.54 15.52
N ILE B 283 -25.46 19.84 15.77
CA ILE B 283 -26.71 20.54 15.51
C ILE B 283 -26.52 21.33 14.23
N THR B 284 -27.50 21.23 13.32
CA THR B 284 -27.44 21.92 12.04
C THR B 284 -28.61 22.87 11.93
N ASP B 285 -28.48 23.83 11.01
CA ASP B 285 -29.56 24.80 10.82
C ASP B 285 -30.73 24.20 10.05
N THR B 286 -30.46 23.37 9.05
CA THR B 286 -31.49 22.65 8.31
C THR B 286 -31.17 21.16 8.32
N ASP B 287 -32.11 20.37 7.84
CA ASP B 287 -32.00 18.91 7.94
C ASP B 287 -30.93 18.37 7.01
N ILE B 288 -30.11 17.45 7.54
CA ILE B 288 -29.19 16.69 6.70
C ILE B 288 -29.98 15.67 5.91
N ASP B 289 -29.69 15.55 4.61
CA ASP B 289 -30.21 14.46 3.80
C ASP B 289 -29.34 13.24 4.04
N PRO B 290 -29.81 12.24 4.78
CA PRO B 290 -28.92 11.12 5.15
C PRO B 290 -28.49 10.27 3.96
N ILE B 291 -29.29 10.21 2.90
CA ILE B 291 -28.89 9.42 1.74
C ILE B 291 -27.80 10.14 0.95
N ALA B 292 -27.96 11.46 0.78
CA ALA B 292 -26.89 12.24 0.15
C ALA B 292 -25.61 12.14 0.96
N TRP B 293 -25.71 12.20 2.30
CA TRP B 293 -24.53 12.08 3.14
C TRP B 293 -23.87 10.72 2.93
N LEU B 294 -24.67 9.65 3.02
CA LEU B 294 -24.17 8.31 2.76
C LEU B 294 -23.50 8.22 1.39
N ALA B 295 -24.12 8.82 0.38
CA ALA B 295 -23.54 8.76 -0.96
C ALA B 295 -22.16 9.40 -1.01
N GLN B 296 -21.95 10.46 -0.21
CA GLN B 296 -20.62 11.08 -0.12
C GLN B 296 -19.60 10.09 0.42
N LEU B 297 -19.95 9.39 1.50
CA LEU B 297 -19.01 8.43 2.08
C LEU B 297 -18.73 7.29 1.12
N GLN B 298 -19.76 6.82 0.40
CA GLN B 298 -19.56 5.68 -0.49
C GLN B 298 -18.64 6.03 -1.65
N ARG B 299 -18.80 7.24 -2.21
CA ARG B 299 -17.91 7.67 -3.28
C ARG B 299 -16.47 7.77 -2.79
N GLU B 300 -16.28 8.29 -1.59
CA GLU B 300 -14.96 8.37 -0.96
C GLU B 300 -14.64 7.13 -0.15
N GLY B 301 -15.32 6.02 -0.40
CA GLY B 301 -15.12 4.81 0.38
C GLY B 301 -13.97 3.97 -0.12
N HIS B 302 -13.68 2.91 0.64
CA HIS B 302 -12.69 1.92 0.24
C HIS B 302 -12.86 0.71 1.14
N ASP B 303 -13.33 -0.40 0.57
CA ASP B 303 -13.38 -1.67 1.28
C ASP B 303 -14.22 -1.54 2.55
N ALA B 304 -15.46 -1.11 2.35
CA ALA B 304 -16.33 -0.80 3.48
C ALA B 304 -17.77 -1.14 3.12
N TYR B 305 -18.53 -1.49 4.16
CA TYR B 305 -19.97 -1.62 4.06
C TYR B 305 -20.63 -0.25 4.18
N GLN B 306 -21.49 0.11 3.23
CA GLN B 306 -22.38 1.25 3.40
C GLN B 306 -23.77 0.74 3.75
N PHE B 307 -24.45 1.44 4.68
CA PHE B 307 -25.80 1.03 5.04
C PHE B 307 -26.64 2.23 5.44
N CYS B 308 -27.95 2.04 5.30
CA CYS B 308 -28.97 2.91 5.87
C CYS B 308 -30.09 2.03 6.42
N LEU B 309 -30.50 2.27 7.66
CA LEU B 309 -31.70 1.66 8.22
C LEU B 309 -32.56 2.75 8.83
N GLN B 310 -33.78 2.90 8.32
CA GLN B 310 -34.67 3.98 8.76
C GLN B 310 -36.10 3.47 8.83
N PRO B 311 -36.54 3.02 10.00
CA PRO B 311 -37.93 2.60 10.19
C PRO B 311 -38.88 3.78 10.04
N PRO B 312 -40.18 3.53 9.86
CA PRO B 312 -41.13 4.64 9.66
C PRO B 312 -41.08 5.64 10.80
N GLY B 313 -41.03 6.91 10.46
CA GLY B 313 -40.99 8.01 11.41
C GLY B 313 -39.70 8.14 12.21
N ALA B 314 -38.70 7.33 11.93
CA ALA B 314 -37.46 7.26 12.70
C ALA B 314 -36.36 8.12 12.07
N PRO B 315 -35.34 8.45 12.85
CA PRO B 315 -34.09 8.93 12.23
C PRO B 315 -33.48 7.85 11.35
N ALA B 316 -32.58 8.27 10.48
CA ALA B 316 -31.87 7.34 9.61
C ALA B 316 -30.56 6.93 10.27
N PHE B 317 -30.38 5.62 10.46
CA PHE B 317 -29.10 5.07 10.92
C PHE B 317 -28.27 4.73 9.68
N ILE B 318 -27.15 5.43 9.49
CA ILE B 318 -26.31 5.24 8.31
C ILE B 318 -24.88 4.99 8.78
N GLY B 319 -24.09 4.37 7.91
CA GLY B 319 -22.72 4.08 8.27
C GLY B 319 -21.90 3.66 7.08
N ASN B 320 -20.59 3.71 7.26
CA ASN B 320 -19.62 3.32 6.23
C ASN B 320 -18.52 2.59 7.00
N THR B 321 -18.73 1.29 7.22
CA THR B 321 -17.93 0.58 8.21
C THR B 321 -17.04 -0.48 7.56
N PRO B 322 -15.79 -0.59 8.00
CA PRO B 322 -14.90 -1.60 7.43
C PRO B 322 -15.09 -2.98 8.03
N GLU B 323 -15.86 -3.11 9.09
CA GLU B 323 -15.82 -4.30 9.95
C GLU B 323 -16.95 -5.27 9.63
N ARG B 324 -16.58 -6.53 9.40
CA ARG B 324 -17.52 -7.62 9.17
C ARG B 324 -17.79 -8.35 10.48
N LEU B 325 -19.06 -8.64 10.76
CA LEU B 325 -19.39 -9.59 11.82
C LEU B 325 -19.33 -11.01 11.28
N PHE B 326 -20.16 -11.33 10.29
CA PHE B 326 -19.94 -12.57 9.54
C PHE B 326 -20.62 -12.47 8.17
N GLN B 327 -20.08 -13.25 7.25
CA GLN B 327 -20.74 -13.56 5.98
C GLN B 327 -20.98 -15.06 5.92
N ARG B 328 -22.17 -15.46 5.46
CA ARG B 328 -22.47 -16.87 5.22
C ARG B 328 -22.86 -17.05 3.77
N THR B 329 -22.21 -18.00 3.10
CA THR B 329 -22.60 -18.46 1.78
C THR B 329 -22.80 -19.97 1.88
N GLN B 330 -24.07 -20.40 1.85
CA GLN B 330 -24.42 -21.79 2.09
C GLN B 330 -23.80 -22.27 3.40
N LEU B 331 -22.88 -23.24 3.36
CA LEU B 331 -22.30 -23.74 4.61
C LEU B 331 -21.06 -23.00 5.06
N GLY B 332 -20.51 -22.08 4.25
CA GLY B 332 -19.30 -21.38 4.63
C GLY B 332 -19.62 -20.11 5.39
N VAL B 333 -18.95 -19.92 6.53
CA VAL B 333 -19.05 -18.68 7.29
C VAL B 333 -17.66 -18.08 7.43
N CYS B 334 -17.57 -16.76 7.41
CA CYS B 334 -16.29 -16.14 7.69
C CYS B 334 -16.51 -14.91 8.53
N SER B 335 -15.51 -14.60 9.35
CA SER B 335 -15.57 -13.47 10.26
C SER B 335 -14.17 -12.88 10.30
N GLU B 336 -13.90 -12.02 11.27
CA GLU B 336 -12.60 -11.38 11.35
C GLU B 336 -12.41 -10.84 12.75
N ALA B 337 -11.16 -10.52 13.06
CA ALA B 337 -10.75 -10.06 14.38
C ALA B 337 -9.86 -8.85 14.23
N LEU B 338 -9.99 -7.91 15.16
CA LEU B 338 -9.17 -6.71 15.17
C LEU B 338 -8.81 -6.32 16.60
N ALA B 339 -7.69 -5.62 16.72
CA ALA B 339 -7.25 -5.01 17.97
C ALA B 339 -6.00 -4.18 17.68
N ALA B 340 -5.58 -3.40 18.69
CA ALA B 340 -4.35 -2.62 18.66
C ALA B 340 -4.38 -1.60 17.53
N THR B 341 -5.11 -0.52 17.72
CA THR B 341 -5.28 0.49 16.68
C THR B 341 -4.30 1.64 16.92
N ARG B 342 -3.76 2.19 15.83
CA ARG B 342 -2.89 3.34 15.87
C ARG B 342 -3.22 4.19 14.65
N PRO B 343 -2.77 5.44 14.62
CA PRO B 343 -3.08 6.29 13.46
C PRO B 343 -2.34 5.83 12.21
N ARG B 344 -2.85 6.26 11.07
CA ARG B 344 -2.04 6.38 9.87
C ARG B 344 -1.14 7.60 10.00
N ALA B 345 -0.11 7.66 9.17
CA ALA B 345 0.76 8.83 9.12
C ALA B 345 0.88 9.32 7.69
N ALA B 346 1.00 10.63 7.52
CA ALA B 346 1.02 11.21 6.18
C ALA B 346 2.23 10.73 5.39
N SER B 347 3.40 10.69 6.03
CA SER B 347 4.61 10.29 5.35
C SER B 347 4.79 8.78 5.36
N SER B 348 5.26 8.24 4.24
CA SER B 348 5.39 6.80 4.08
C SER B 348 6.29 6.19 5.15
N ALA B 349 7.34 6.91 5.55
CA ALA B 349 8.29 6.35 6.52
C ALA B 349 7.65 6.22 7.91
N ARG B 350 6.94 7.26 8.34
CA ARG B 350 6.32 7.22 9.65
C ARG B 350 5.16 6.23 9.68
N ASP B 351 4.41 6.11 8.57
CA ASP B 351 3.33 5.13 8.48
C ASP B 351 3.86 3.70 8.61
N MET B 352 4.96 3.41 7.90
CA MET B 352 5.58 2.09 7.98
C MET B 352 6.11 1.80 9.37
N GLU B 353 6.63 2.82 10.06
CA GLU B 353 7.16 2.60 11.40
C GLU B 353 6.03 2.22 12.37
N ILE B 354 4.89 2.91 12.29
CA ILE B 354 3.76 2.56 13.14
C ILE B 354 3.31 1.14 12.86
N GLU B 355 3.22 0.77 11.58
CA GLU B 355 2.80 -0.57 11.23
C GLU B 355 3.78 -1.61 11.76
N ARG B 356 5.09 -1.33 11.70
CA ARG B 356 6.03 -2.31 12.20
C ARG B 356 5.95 -2.45 13.72
N ASP B 357 5.70 -1.34 14.43
CA ASP B 357 5.51 -1.42 15.87
C ASP B 357 4.33 -2.32 16.21
N LEU B 358 3.23 -2.21 15.45
CA LEU B 358 2.09 -3.08 15.67
C LEU B 358 2.44 -4.54 15.44
N LEU B 359 3.21 -4.82 14.39
CA LEU B 359 3.50 -6.20 14.01
C LEU B 359 4.55 -6.86 14.89
N THR B 360 5.35 -6.08 15.60
CA THR B 360 6.44 -6.63 16.41
C THR B 360 6.24 -6.48 17.91
N SER B 361 5.36 -5.59 18.35
CA SER B 361 5.11 -5.39 19.78
C SER B 361 4.64 -6.69 20.44
N PRO B 362 5.34 -7.19 21.46
CA PRO B 362 4.84 -8.36 22.20
C PRO B 362 3.54 -8.08 22.92
N LYS B 363 3.37 -6.84 23.42
CA LYS B 363 2.13 -6.48 24.10
C LYS B 363 0.96 -6.47 23.14
N ASP B 364 1.12 -5.83 21.97
CA ASP B 364 0.06 -5.82 20.97
C ASP B 364 -0.29 -7.23 20.52
N ASP B 365 0.72 -8.08 20.34
CA ASP B 365 0.45 -9.47 19.95
C ASP B 365 -0.43 -10.18 20.97
N LEU B 366 -0.15 -10.00 22.26
CA LEU B 366 -0.97 -10.62 23.30
C LEU B 366 -2.38 -10.06 23.31
N GLU B 367 -2.50 -8.73 23.17
CA GLU B 367 -3.82 -8.10 23.18
C GLU B 367 -4.62 -8.52 21.96
N PHE B 368 -3.95 -8.65 20.81
CA PHE B 368 -4.66 -9.13 19.62
C PHE B 368 -5.05 -10.59 19.76
N SER B 369 -4.16 -11.39 20.34
CA SER B 369 -4.45 -12.82 20.44
C SER B 369 -5.69 -13.08 21.29
N ILE B 370 -5.91 -12.33 22.37
CA ILE B 370 -7.12 -12.60 23.15
C ILE B 370 -8.37 -12.31 22.34
N VAL B 371 -8.35 -11.30 21.46
CA VAL B 371 -9.51 -11.06 20.61
C VAL B 371 -9.63 -12.17 19.55
N ARG B 372 -8.54 -12.42 18.82
CA ARG B 372 -8.57 -13.40 17.74
C ARG B 372 -8.99 -14.77 18.25
N GLU B 373 -8.40 -15.21 19.37
CA GLU B 373 -8.67 -16.56 19.84
C GLU B 373 -10.07 -16.67 20.44
N ASN B 374 -10.62 -15.57 20.94
CA ASN B 374 -12.00 -15.58 21.43
C ASN B 374 -12.98 -15.82 20.28
N ILE B 375 -12.83 -15.06 19.19
CA ILE B 375 -13.69 -15.24 18.03
C ILE B 375 -13.47 -16.62 17.40
N ARG B 376 -12.21 -17.05 17.30
CA ARG B 376 -11.91 -18.37 16.76
C ARG B 376 -12.66 -19.46 17.49
N GLU B 377 -12.64 -19.43 18.83
CA GLU B 377 -13.32 -20.50 19.56
C GLU B 377 -14.85 -20.36 19.46
N LYS B 378 -15.38 -19.15 19.30
CA LYS B 378 -16.80 -19.03 19.00
C LYS B 378 -17.15 -19.80 17.73
N LEU B 379 -16.38 -19.61 16.65
CA LEU B 379 -16.62 -20.35 15.43
C LEU B 379 -16.37 -21.85 15.62
N ASN B 380 -15.32 -22.18 16.38
CA ASN B 380 -14.96 -23.59 16.59
C ASN B 380 -16.03 -24.35 17.34
N GLY B 381 -16.83 -23.67 18.16
CA GLY B 381 -17.89 -24.36 18.87
C GLY B 381 -19.03 -24.79 17.97
N ILE B 382 -19.12 -24.21 16.78
CA ILE B 382 -20.20 -24.49 15.84
C ILE B 382 -19.69 -25.20 14.61
N CYS B 383 -18.55 -24.77 14.10
CA CYS B 383 -17.98 -25.29 12.86
C CYS B 383 -17.07 -26.47 13.16
N ASP B 384 -17.12 -27.49 12.30
CA ASP B 384 -16.21 -28.63 12.49
C ASP B 384 -14.76 -28.17 12.46
N ARG B 385 -14.36 -27.50 11.39
CA ARG B 385 -13.01 -26.96 11.24
C ARG B 385 -13.06 -25.45 11.04
N VAL B 386 -12.09 -24.76 11.60
CA VAL B 386 -11.93 -23.32 11.48
C VAL B 386 -10.56 -23.03 10.88
N VAL B 387 -10.51 -22.12 9.91
CA VAL B 387 -9.24 -21.68 9.34
C VAL B 387 -9.02 -20.23 9.78
N VAL B 388 -7.76 -19.90 10.06
CA VAL B 388 -7.35 -18.55 10.44
C VAL B 388 -6.28 -18.11 9.46
N LYS B 389 -6.52 -16.97 8.77
CA LYS B 389 -5.57 -16.56 7.75
C LYS B 389 -5.64 -15.05 7.50
N PRO B 390 -4.55 -14.30 7.75
CA PRO B 390 -3.33 -14.79 8.40
C PRO B 390 -3.52 -14.79 9.91
N GLN B 391 -2.56 -15.31 10.65
CA GLN B 391 -2.60 -15.20 12.10
C GLN B 391 -2.57 -13.73 12.52
N LYS B 392 -1.79 -12.91 11.81
CA LYS B 392 -1.62 -11.52 12.20
C LYS B 392 -1.11 -10.70 11.01
N THR B 393 -1.86 -9.67 10.63
CA THR B 393 -1.39 -8.66 9.68
C THR B 393 -1.87 -7.32 10.20
N VAL B 394 -1.47 -6.23 9.54
CA VAL B 394 -2.03 -4.92 9.82
C VAL B 394 -2.96 -4.55 8.66
N ARG B 395 -4.21 -4.27 8.98
CA ARG B 395 -5.15 -3.71 8.02
C ARG B 395 -5.05 -2.19 8.07
N LYS B 396 -4.81 -1.58 6.91
CA LYS B 396 -4.63 -0.13 6.82
C LYS B 396 -5.94 0.50 6.36
N LEU B 397 -6.55 1.28 7.24
CA LEU B 397 -7.76 2.01 6.89
C LEU B 397 -7.38 3.45 6.53
N ALA B 398 -8.39 4.26 6.19
CA ALA B 398 -8.14 5.63 5.75
C ALA B 398 -7.34 6.42 6.78
N ARG B 399 -7.75 6.35 8.05
CA ARG B 399 -7.12 7.18 9.06
C ARG B 399 -6.54 6.45 10.25
N VAL B 400 -6.78 5.14 10.38
CA VAL B 400 -6.17 4.34 11.44
C VAL B 400 -5.73 3.02 10.81
N GLN B 401 -4.93 2.27 11.56
CA GLN B 401 -4.53 0.93 11.15
C GLN B 401 -4.47 0.06 12.40
N HIS B 402 -4.63 -1.25 12.22
CA HIS B 402 -4.81 -2.11 13.37
C HIS B 402 -4.43 -3.54 13.01
N LEU B 403 -4.15 -4.34 14.04
CA LEU B 403 -3.92 -5.75 13.82
C LEU B 403 -5.20 -6.44 13.36
N TYR B 404 -5.03 -7.50 12.56
CA TYR B 404 -6.16 -8.02 11.80
C TYR B 404 -5.94 -9.48 11.47
N SER B 405 -7.03 -10.24 11.47
CA SER B 405 -7.03 -11.63 11.05
C SER B 405 -8.41 -11.94 10.49
N GLN B 406 -8.43 -12.79 9.46
CA GLN B 406 -9.68 -13.36 8.96
C GLN B 406 -9.81 -14.80 9.44
N LEU B 407 -11.06 -15.19 9.73
CA LEU B 407 -11.37 -16.53 10.22
C LEU B 407 -12.56 -17.07 9.44
N ALA B 408 -12.58 -18.39 9.22
CA ALA B 408 -13.67 -18.99 8.47
C ALA B 408 -13.87 -20.43 8.93
N GLY B 409 -15.09 -20.92 8.72
CA GLY B 409 -15.40 -22.29 9.07
C GLY B 409 -16.55 -22.81 8.24
N ARG B 410 -16.71 -24.12 8.24
CA ARG B 410 -17.79 -24.77 7.53
C ARG B 410 -18.87 -25.21 8.52
N LEU B 411 -20.10 -24.79 8.24
CA LEU B 411 -21.22 -25.21 9.07
C LEU B 411 -21.61 -26.64 8.75
N THR B 412 -22.19 -27.32 9.73
CA THR B 412 -22.79 -28.63 9.51
C THR B 412 -24.10 -28.51 8.73
N LYS B 413 -24.88 -27.48 9.00
CA LYS B 413 -26.14 -27.25 8.30
C LYS B 413 -26.36 -25.74 8.21
N GLU B 414 -27.09 -25.33 7.18
CA GLU B 414 -27.32 -23.89 6.98
C GLU B 414 -28.12 -23.29 8.14
N ASP B 415 -28.94 -24.09 8.81
CA ASP B 415 -29.71 -23.57 9.95
C ASP B 415 -28.82 -23.17 11.13
N ASP B 416 -27.54 -23.55 11.15
CA ASP B 416 -26.66 -23.06 12.21
C ASP B 416 -26.29 -21.60 12.05
N GLU B 417 -26.84 -20.93 11.02
CA GLU B 417 -26.65 -19.49 10.89
C GLU B 417 -26.98 -18.75 12.17
N TYR B 418 -28.10 -19.12 12.81
CA TYR B 418 -28.48 -18.40 14.02
C TYR B 418 -27.44 -18.58 15.11
N LYS B 419 -26.90 -19.80 15.27
CA LYS B 419 -25.87 -20.02 16.28
C LYS B 419 -24.67 -19.13 16.05
N ILE B 420 -24.27 -18.93 14.79
CA ILE B 420 -23.13 -18.07 14.48
C ILE B 420 -23.42 -16.63 14.93
N LEU B 421 -24.61 -16.13 14.59
CA LEU B 421 -24.98 -14.77 14.97
C LEU B 421 -25.06 -14.63 16.49
N ALA B 422 -25.64 -15.61 17.17
CA ALA B 422 -25.78 -15.56 18.62
C ALA B 422 -24.43 -15.66 19.31
N ALA B 423 -23.53 -16.48 18.77
CA ALA B 423 -22.20 -16.61 19.37
C ALA B 423 -21.36 -15.35 19.15
N LEU B 424 -21.40 -14.78 17.96
CA LEU B 424 -20.44 -13.73 17.63
C LEU B 424 -20.83 -12.38 18.22
N HIS B 425 -22.10 -11.97 18.12
CA HIS B 425 -22.41 -10.62 18.60
C HIS B 425 -22.60 -10.60 20.12
N PRO B 426 -21.90 -9.70 20.85
CA PRO B 426 -20.83 -8.83 20.35
C PRO B 426 -19.47 -9.48 20.55
N THR B 427 -18.49 -9.15 19.72
CA THR B 427 -17.13 -9.64 19.92
C THR B 427 -16.36 -8.68 20.81
N PRO B 428 -15.15 -9.06 21.23
CA PRO B 428 -14.34 -8.11 22.03
C PRO B 428 -13.92 -6.86 21.26
N ALA B 429 -14.16 -6.80 19.95
CA ALA B 429 -13.89 -5.58 19.20
C ALA B 429 -14.90 -4.47 19.46
N VAL B 430 -16.04 -4.77 20.10
CA VAL B 430 -17.00 -3.71 20.46
C VAL B 430 -17.43 -3.82 21.91
N CYS B 431 -17.07 -4.91 22.59
CA CYS B 431 -17.47 -5.10 23.99
C CYS B 431 -16.25 -5.17 24.88
N GLY B 432 -15.72 -6.36 25.12
CA GLY B 432 -14.43 -6.49 25.78
C GLY B 432 -14.28 -7.86 26.43
N LEU B 433 -13.25 -7.96 27.27
CA LEU B 433 -12.91 -9.24 27.91
C LEU B 433 -12.42 -9.00 29.33
N PRO B 434 -12.93 -9.75 30.34
CA PRO B 434 -14.06 -10.69 30.20
C PRO B 434 -15.33 -9.96 29.78
N ALA B 435 -16.16 -10.64 29.00
CA ALA B 435 -17.31 -9.98 28.37
C ALA B 435 -18.27 -9.40 29.40
N GLU B 436 -18.52 -10.09 30.51
CA GLU B 436 -19.50 -9.56 31.45
C GLU B 436 -18.92 -8.37 32.22
N GLU B 437 -17.66 -8.45 32.62
CA GLU B 437 -17.04 -7.30 33.29
C GLU B 437 -17.00 -6.08 32.36
N ALA B 438 -16.75 -6.31 31.06
CA ALA B 438 -16.72 -5.19 30.13
C ALA B 438 -18.11 -4.62 29.90
N ARG B 439 -19.10 -5.50 29.73
CA ARG B 439 -20.49 -5.07 29.54
C ARG B 439 -20.96 -4.19 30.70
N LEU B 440 -20.65 -4.58 31.93
CA LEU B 440 -21.08 -3.80 33.08
C LEU B 440 -20.35 -2.46 33.15
N LEU B 441 -19.06 -2.43 32.80
CA LEU B 441 -18.33 -1.17 32.81
C LEU B 441 -18.85 -0.20 31.76
N ILE B 442 -19.18 -0.71 30.56
CA ILE B 442 -19.78 0.11 29.53
C ILE B 442 -21.10 0.71 30.02
N LYS B 443 -21.94 -0.13 30.65
CA LYS B 443 -23.18 0.34 31.25
C LYS B 443 -22.95 1.51 32.21
N GLU B 444 -21.93 1.41 33.05
CA GLU B 444 -21.69 2.42 34.06
C GLU B 444 -21.06 3.68 33.47
N ILE B 445 -20.10 3.54 32.55
CA ILE B 445 -19.32 4.68 32.09
C ILE B 445 -20.09 5.51 31.06
N GLU B 446 -20.81 4.85 30.16
CA GLU B 446 -21.45 5.54 29.05
C GLU B 446 -22.85 6.00 29.46
N SER B 447 -23.13 7.30 29.31
CA SER B 447 -24.42 7.84 29.68
C SER B 447 -25.41 7.81 28.54
N PHE B 448 -24.96 7.58 27.32
CA PHE B 448 -25.84 7.59 26.16
C PHE B 448 -26.15 6.16 25.74
N ASP B 449 -27.16 6.03 24.91
CA ASP B 449 -27.57 4.74 24.34
C ASP B 449 -26.82 4.51 23.03
N ARG B 450 -26.09 3.39 22.95
CA ARG B 450 -25.45 3.02 21.68
C ARG B 450 -26.49 2.68 20.62
N GLY B 451 -27.64 2.20 21.04
CA GLY B 451 -28.65 1.76 20.08
C GLY B 451 -28.08 0.66 19.20
N MET B 452 -28.14 0.89 17.89
CA MET B 452 -27.59 -0.08 16.95
C MET B 452 -26.16 0.22 16.54
N TYR B 453 -25.55 1.32 17.02
CA TYR B 453 -24.11 1.47 16.87
C TYR B 453 -23.43 0.27 17.53
N ALA B 454 -22.45 -0.31 16.83
CA ALA B 454 -21.68 -1.48 17.27
C ALA B 454 -22.49 -2.77 17.29
N GLY B 455 -23.71 -2.76 16.75
CA GLY B 455 -24.50 -3.98 16.61
C GLY B 455 -24.47 -4.51 15.19
N PRO B 456 -24.99 -5.73 14.99
CA PRO B 456 -25.05 -6.29 13.63
C PRO B 456 -25.95 -5.44 12.73
N ILE B 457 -25.50 -5.23 11.50
CA ILE B 457 -26.29 -4.52 10.49
C ILE B 457 -26.05 -5.18 9.14
N GLY B 458 -27.14 -5.58 8.46
CA GLY B 458 -26.95 -6.33 7.23
C GLY B 458 -28.24 -6.95 6.74
N PHE B 459 -28.21 -8.23 6.37
CA PHE B 459 -29.41 -8.85 5.84
C PHE B 459 -29.36 -10.35 6.05
N PHE B 460 -30.56 -10.94 6.12
CA PHE B 460 -30.76 -12.38 6.05
C PHE B 460 -31.25 -12.74 4.65
N GLY B 461 -30.69 -13.82 4.08
CA GLY B 461 -31.20 -14.38 2.85
C GLY B 461 -31.22 -15.90 2.92
N GLY B 462 -31.89 -16.51 1.95
CA GLY B 462 -32.07 -17.96 1.96
C GLY B 462 -30.76 -18.71 2.00
N GLU B 463 -29.91 -18.49 1.01
CA GLU B 463 -28.63 -19.17 0.93
C GLU B 463 -27.45 -18.30 1.31
N GLU B 464 -27.69 -17.02 1.57
CA GLU B 464 -26.60 -16.10 1.86
C GLU B 464 -27.09 -15.05 2.84
N SER B 465 -26.28 -14.74 3.86
CA SER B 465 -26.55 -13.65 4.78
C SER B 465 -25.23 -12.96 5.07
N GLU B 466 -25.30 -11.68 5.43
CA GLU B 466 -24.08 -10.96 5.76
C GLU B 466 -24.39 -9.85 6.73
N PHE B 467 -23.52 -9.71 7.74
CA PHE B 467 -23.70 -8.69 8.76
C PHE B 467 -22.39 -7.97 8.96
N ALA B 468 -22.45 -6.65 8.84
CA ALA B 468 -21.37 -5.77 9.27
C ALA B 468 -21.54 -5.48 10.75
N VAL B 469 -20.48 -4.91 11.34
CA VAL B 469 -20.57 -4.32 12.66
C VAL B 469 -20.85 -2.84 12.46
N GLY B 470 -21.94 -2.36 13.04
CA GLY B 470 -22.42 -1.01 12.79
C GLY B 470 -21.64 0.10 13.48
N ILE B 471 -20.32 0.02 13.44
CA ILE B 471 -19.47 1.14 13.88
C ILE B 471 -19.40 2.11 12.72
N ARG B 472 -18.63 3.20 12.85
CA ARG B 472 -18.46 4.20 11.79
C ARG B 472 -19.80 4.69 11.26
N SER B 473 -20.69 5.02 12.19
CA SER B 473 -22.09 5.19 11.85
C SER B 473 -22.62 6.47 12.50
N ALA B 474 -23.82 6.86 12.08
CA ALA B 474 -24.43 8.09 12.58
C ALA B 474 -25.94 7.92 12.59
N LEU B 475 -26.58 8.57 13.54
CA LEU B 475 -28.04 8.64 13.59
C LEU B 475 -28.43 10.05 13.15
N VAL B 476 -29.16 10.16 12.04
CA VAL B 476 -29.43 11.45 11.41
C VAL B 476 -30.89 11.80 11.64
N GLU B 477 -31.16 12.85 12.42
CA GLU B 477 -32.51 13.14 12.88
C GLU B 477 -32.95 14.49 12.34
N LYS B 478 -34.10 14.50 11.67
CA LYS B 478 -34.67 15.77 11.20
C LYS B 478 -35.00 16.68 12.38
N GLY B 479 -34.85 17.99 12.14
CA GLY B 479 -35.13 18.95 13.18
C GLY B 479 -34.17 18.91 14.34
N LEU B 480 -33.00 18.31 14.16
CA LEU B 480 -32.02 18.18 15.23
C LEU B 480 -30.61 18.26 14.66
N GLY B 481 -30.19 17.21 13.95
CA GLY B 481 -28.85 17.19 13.41
C GLY B 481 -28.37 15.77 13.22
N ALA B 482 -27.29 15.38 13.90
CA ALA B 482 -26.80 14.01 13.80
C ALA B 482 -26.08 13.63 15.09
N LEU B 483 -26.15 12.34 15.42
CA LEU B 483 -25.36 11.73 16.46
C LEU B 483 -24.32 10.84 15.78
N ILE B 484 -23.04 11.09 16.02
CA ILE B 484 -21.97 10.41 15.30
C ILE B 484 -21.15 9.61 16.31
N TYR B 485 -21.00 8.31 16.07
CA TYR B 485 -20.48 7.40 17.09
C TYR B 485 -19.08 6.86 16.78
N ALA B 486 -18.28 6.72 17.83
CA ALA B 486 -16.99 6.07 17.69
C ALA B 486 -16.58 5.51 19.04
N GLY B 487 -15.65 4.58 19.00
CA GLY B 487 -15.18 3.91 20.22
C GLY B 487 -13.78 3.42 19.99
N THR B 488 -13.09 3.10 21.10
CA THR B 488 -11.75 2.54 21.00
C THR B 488 -11.61 1.46 22.06
N GLY B 489 -10.66 0.56 21.82
CA GLY B 489 -10.37 -0.49 22.78
C GLY B 489 -9.39 0.00 23.82
N ILE B 490 -9.81 0.02 25.08
CA ILE B 490 -8.93 0.37 26.19
C ILE B 490 -8.35 -0.92 26.76
N VAL B 491 -7.02 -1.01 26.77
CA VAL B 491 -6.28 -2.15 27.32
C VAL B 491 -5.19 -1.60 28.22
N ALA B 492 -4.48 -2.49 28.91
CA ALA B 492 -3.34 -2.07 29.72
C ALA B 492 -2.43 -1.16 28.91
N GLY B 493 -2.11 0.01 29.46
CA GLY B 493 -1.20 0.90 28.78
C GLY B 493 -1.80 1.83 27.74
N SER B 494 -3.12 1.76 27.46
CA SER B 494 -3.73 2.76 26.59
C SER B 494 -3.54 4.16 27.17
N ASP B 495 -3.32 5.12 26.29
CA ASP B 495 -3.10 6.51 26.67
C ASP B 495 -4.37 7.31 26.41
N PRO B 496 -4.99 7.91 27.43
CA PRO B 496 -6.28 8.60 27.21
C PRO B 496 -6.23 9.66 26.11
N SER B 497 -5.13 10.42 26.01
CA SER B 497 -5.02 11.43 24.97
C SER B 497 -5.03 10.82 23.58
N SER B 498 -4.29 9.72 23.39
CA SER B 498 -4.23 9.08 22.08
C SER B 498 -5.58 8.47 21.71
N GLU B 499 -6.28 7.90 22.70
CA GLU B 499 -7.57 7.28 22.45
C GLU B 499 -8.63 8.33 22.09
N TRP B 500 -8.60 9.48 22.76
CA TRP B 500 -9.48 10.58 22.40
C TRP B 500 -9.24 11.05 20.97
N ASN B 501 -7.97 11.22 20.60
CA ASN B 501 -7.61 11.56 19.23
C ASN B 501 -8.12 10.52 18.24
N GLU B 502 -8.02 9.23 18.61
CA GLU B 502 -8.51 8.17 17.74
C GLU B 502 -10.02 8.28 17.51
N LEU B 503 -10.79 8.65 18.55
CA LEU B 503 -12.22 8.87 18.36
C LEU B 503 -12.47 9.93 17.31
N ASP B 504 -11.71 11.04 17.37
CA ASP B 504 -11.86 12.10 16.38
C ASP B 504 -11.51 11.61 14.99
N LEU B 505 -10.45 10.80 14.87
CA LEU B 505 -10.11 10.23 13.57
C LEU B 505 -11.23 9.36 13.03
N LYS B 506 -11.85 8.56 13.91
CA LYS B 506 -12.86 7.61 13.47
C LYS B 506 -14.14 8.29 12.99
N ILE B 507 -14.50 9.46 13.53
CA ILE B 507 -15.71 10.14 13.07
C ILE B 507 -15.43 11.14 11.96
N SER B 508 -14.17 11.30 11.54
CA SER B 508 -13.88 12.42 10.65
C SER B 508 -14.46 12.25 9.25
N GLN B 509 -14.77 11.03 8.80
CA GLN B 509 -15.43 10.91 7.51
C GLN B 509 -16.78 11.63 7.52
N PHE B 510 -17.44 11.69 8.68
CA PHE B 510 -18.69 12.44 8.81
C PHE B 510 -18.43 13.93 9.05
N THR B 511 -17.53 14.27 9.98
CA THR B 511 -17.35 15.68 10.31
C THR B 511 -16.73 16.46 9.16
N LYS B 512 -15.87 15.82 8.36
CA LYS B 512 -15.23 16.54 7.26
C LYS B 512 -16.16 16.70 6.05
N SER B 513 -17.04 15.74 5.82
CA SER B 513 -17.95 15.83 4.67
C SER B 513 -19.13 16.76 4.93
N ILE B 514 -19.50 16.96 6.19
CA ILE B 514 -20.54 17.94 6.49
C ILE B 514 -19.98 19.35 6.45
N GLU B 515 -18.66 19.50 6.56
CA GLU B 515 -17.98 20.80 6.66
C GLU B 515 -18.59 21.68 7.75
C ACT C . 12.78 0.27 -13.81
O ACT C . 12.74 0.18 -12.55
OXT ACT C . 13.08 -0.72 -14.54
CH3 ACT C . 12.47 1.60 -14.49
C FMT D . 7.57 0.71 -23.16
O1 FMT D . 8.75 1.17 -23.77
O2 FMT D . 7.81 -0.52 -22.54
C FMT E . 6.22 -3.99 -26.00
O1 FMT E . 5.24 -4.74 -26.64
O2 FMT E . 5.86 -3.78 -24.66
C FMT F . 13.54 -3.25 -18.68
O1 FMT F . 14.31 -2.91 -17.56
O2 FMT F . 12.32 -2.56 -18.63
C FMT G . 14.86 -8.16 -14.83
O1 FMT G . 15.12 -9.53 -14.85
O2 FMT G . 16.05 -7.43 -14.99
MG MG H . 6.09 -0.77 -20.74
C ACT I . -15.32 1.81 16.89
O ACT I . -14.38 1.80 16.06
OXT ACT I . -16.24 2.67 16.84
CH3 ACT I . -15.33 0.73 17.98
C FMT J . -0.96 -0.28 19.80
O1 FMT J . -2.08 0.48 20.17
O2 FMT J . 0.20 0.26 20.37
C FMT K . -6.73 -1.80 21.58
O1 FMT K . -6.28 -0.83 20.68
O2 FMT K . -6.59 -3.06 20.99
C FMT L . -10.10 0.25 14.35
O1 FMT L . -11.42 0.37 13.89
O2 FMT L . -10.03 0.53 15.72
C FMT M . -10.94 5.01 9.94
O1 FMT M . -10.30 5.41 8.76
O2 FMT M . -11.75 3.91 9.67
MG MG N . -6.94 1.38 21.73
#